data_2YTO
#
_entry.id   2YTO
#
loop_
_entity.id
_entity.type
_entity.pdbx_description
1 polymer 'Zinc finger protein 484'
2 non-polymer 'ZINC ION'
#
_entity_poly.entity_id   1
_entity_poly.type   'polypeptide(L)'
_entity_poly.pdbx_seq_one_letter_code
;GSSGSSGTGEKPYKCSDCGKAFTRKSGLHIHQQSHTGERHSGPSSG
;
_entity_poly.pdbx_strand_id   A
#
# COMPACT_ATOMS: atom_id res chain seq x y z
N GLY A 1 -9.50 -26.93 1.52
CA GLY A 1 -9.74 -25.63 2.12
C GLY A 1 -8.78 -24.56 1.60
N SER A 2 -8.86 -23.37 2.19
CA SER A 2 -8.00 -22.27 1.78
C SER A 2 -7.29 -21.65 2.98
N SER A 3 -6.02 -22.02 3.15
CA SER A 3 -5.24 -21.50 4.27
C SER A 3 -3.95 -20.83 3.77
N GLY A 4 -3.60 -21.12 2.51
CA GLY A 4 -2.39 -20.54 1.93
C GLY A 4 -1.34 -21.58 1.63
N SER A 5 -0.23 -21.53 2.35
CA SER A 5 0.87 -22.47 2.15
C SER A 5 1.24 -22.55 0.67
N SER A 6 1.16 -21.42 -0.02
CA SER A 6 1.49 -21.37 -1.44
C SER A 6 2.47 -20.23 -1.73
N GLY A 7 2.06 -19.01 -1.39
CA GLY A 7 2.91 -17.86 -1.62
C GLY A 7 4.28 -18.02 -1.00
N THR A 8 5.31 -18.05 -1.84
CA THR A 8 6.69 -18.21 -1.37
C THR A 8 7.16 -16.95 -0.66
N GLY A 9 6.83 -15.79 -1.23
CA GLY A 9 7.23 -14.53 -0.63
C GLY A 9 6.91 -14.45 0.84
N GLU A 10 7.42 -13.43 1.51
CA GLU A 10 7.18 -13.25 2.94
C GLU A 10 6.50 -11.91 3.21
N LYS A 11 5.36 -11.69 2.56
CA LYS A 11 4.61 -10.46 2.73
C LYS A 11 3.17 -10.75 3.14
N PRO A 12 2.97 -11.01 4.45
CA PRO A 12 1.64 -11.31 5.00
C PRO A 12 0.73 -10.09 5.00
N TYR A 13 1.26 -8.95 4.54
CA TYR A 13 0.49 -7.72 4.49
C TYR A 13 0.63 -7.04 3.14
N LYS A 14 -0.49 -6.58 2.60
CA LYS A 14 -0.49 -5.91 1.30
C LYS A 14 -1.42 -4.69 1.31
N CYS A 15 -0.89 -3.54 0.91
CA CYS A 15 -1.67 -2.31 0.88
C CYS A 15 -2.84 -2.44 -0.10
N SER A 16 -4.05 -2.46 0.45
CA SER A 16 -5.25 -2.57 -0.38
C SER A 16 -5.67 -1.21 -0.93
N ASP A 17 -4.68 -0.41 -1.30
CA ASP A 17 -4.94 0.92 -1.85
C ASP A 17 -4.20 1.12 -3.18
N CYS A 18 -2.93 0.72 -3.20
CA CYS A 18 -2.12 0.86 -4.41
C CYS A 18 -1.66 -0.50 -4.90
N GLY A 19 -1.14 -1.32 -3.99
CA GLY A 19 -0.67 -2.64 -4.36
C GLY A 19 0.79 -2.86 -3.99
N LYS A 20 1.10 -2.74 -2.71
CA LYS A 20 2.47 -2.91 -2.24
C LYS A 20 2.52 -3.95 -1.11
N ALA A 21 3.27 -5.03 -1.36
CA ALA A 21 3.40 -6.10 -0.37
C ALA A 21 4.53 -5.79 0.62
N PHE A 22 4.21 -5.91 1.91
CA PHE A 22 5.20 -5.65 2.95
C PHE A 22 5.42 -6.88 3.82
N THR A 23 6.65 -7.06 4.28
CA THR A 23 6.99 -8.20 5.12
C THR A 23 6.70 -7.91 6.59
N ARG A 24 6.82 -6.65 6.98
CA ARG A 24 6.56 -6.24 8.36
C ARG A 24 5.27 -5.45 8.46
N LYS A 25 4.38 -5.89 9.34
CA LYS A 25 3.09 -5.23 9.53
C LYS A 25 3.27 -3.71 9.58
N SER A 26 4.41 -3.26 10.10
CA SER A 26 4.70 -1.84 10.22
C SER A 26 5.04 -1.25 8.85
N GLY A 27 5.98 -1.89 8.15
CA GLY A 27 6.38 -1.41 6.84
C GLY A 27 5.20 -0.91 6.02
N LEU A 28 4.03 -1.50 6.25
CA LEU A 28 2.83 -1.10 5.53
C LEU A 28 2.10 0.03 6.25
N HIS A 29 1.85 -0.16 7.54
CA HIS A 29 1.16 0.84 8.34
C HIS A 29 1.74 2.24 8.06
N ILE A 30 3.05 2.37 8.22
CA ILE A 30 3.71 3.64 7.98
C ILE A 30 3.49 4.13 6.57
N HIS A 31 3.44 3.20 5.62
CA HIS A 31 3.24 3.53 4.21
C HIS A 31 1.83 4.08 4.00
N GLN A 32 0.85 3.49 4.68
CA GLN A 32 -0.53 3.91 4.56
C GLN A 32 -0.70 5.36 5.03
N GLN A 33 -0.06 5.69 6.14
CA GLN A 33 -0.14 7.03 6.70
C GLN A 33 0.06 8.08 5.61
N SER A 34 0.76 7.71 4.54
CA SER A 34 1.02 8.62 3.44
C SER A 34 -0.19 8.72 2.51
N HIS A 35 -0.86 7.58 2.31
CA HIS A 35 -2.03 7.54 1.45
C HIS A 35 -3.09 8.53 1.92
N THR A 36 -3.29 8.60 3.23
CA THR A 36 -4.28 9.50 3.81
C THR A 36 -4.26 10.85 3.11
N GLY A 37 -3.10 11.23 2.57
CA GLY A 37 -2.97 12.49 1.88
C GLY A 37 -3.14 13.68 2.81
N GLU A 38 -2.37 14.74 2.55
CA GLU A 38 -2.44 15.94 3.38
C GLU A 38 -3.43 16.94 2.80
N ARG A 39 -4.58 17.08 3.47
CA ARG A 39 -5.61 18.00 3.01
C ARG A 39 -6.26 18.71 4.21
N HIS A 40 -6.65 19.97 4.00
CA HIS A 40 -7.28 20.75 5.05
C HIS A 40 -8.32 21.71 4.47
N SER A 41 -9.59 21.45 4.75
CA SER A 41 -10.67 22.29 4.24
C SER A 41 -10.26 23.76 4.25
N GLY A 42 -10.09 24.32 3.06
CA GLY A 42 -9.70 25.72 2.95
C GLY A 42 -8.67 25.94 1.87
N PRO A 43 -8.06 27.14 1.87
CA PRO A 43 -7.04 27.52 0.88
C PRO A 43 -5.74 26.74 1.08
N SER A 44 -5.72 25.85 2.07
CA SER A 44 -4.54 25.05 2.38
C SER A 44 -4.29 24.01 1.28
N SER A 45 -3.19 24.16 0.57
CA SER A 45 -2.84 23.23 -0.49
C SER A 45 -1.67 22.33 -0.09
N GLY A 46 -2.01 21.21 0.55
CA GLY A 46 -0.99 20.28 0.99
C GLY A 46 -0.15 20.83 2.13
N GLY A 1 4.87 1.87 -11.80
CA GLY A 1 5.88 2.81 -12.24
C GLY A 1 7.04 2.93 -11.27
N SER A 2 6.70 3.07 -9.98
CA SER A 2 7.72 3.19 -8.95
C SER A 2 8.06 1.82 -8.35
N SER A 3 9.34 1.60 -8.08
CA SER A 3 9.80 0.33 -7.52
C SER A 3 10.56 0.57 -6.22
N GLY A 4 10.87 -0.52 -5.51
CA GLY A 4 11.58 -0.40 -4.26
C GLY A 4 12.76 -1.35 -4.19
N SER A 5 13.22 -1.64 -2.97
CA SER A 5 14.35 -2.54 -2.77
C SER A 5 13.89 -3.96 -2.55
N SER A 6 14.53 -4.91 -3.24
CA SER A 6 14.19 -6.32 -3.12
C SER A 6 14.07 -6.73 -1.66
N GLY A 7 12.83 -6.80 -1.17
CA GLY A 7 12.61 -7.18 0.21
C GLY A 7 12.60 -8.68 0.40
N THR A 8 13.49 -9.17 1.25
CA THR A 8 13.59 -10.61 1.52
C THR A 8 12.67 -11.02 2.66
N GLY A 9 11.88 -12.06 2.44
CA GLY A 9 10.96 -12.54 3.45
C GLY A 9 9.54 -12.64 2.95
N GLU A 10 8.62 -13.05 3.83
CA GLU A 10 7.22 -13.19 3.47
C GLU A 10 6.47 -11.88 3.70
N LYS A 11 5.59 -11.54 2.76
CA LYS A 11 4.80 -10.32 2.86
C LYS A 11 3.30 -10.64 2.86
N PRO A 12 2.81 -11.12 4.01
CA PRO A 12 1.40 -11.47 4.17
C PRO A 12 0.49 -10.24 4.19
N TYR A 13 1.10 -9.07 4.10
CA TYR A 13 0.36 -7.81 4.11
C TYR A 13 0.51 -7.08 2.78
N LYS A 14 -0.61 -6.60 2.24
CA LYS A 14 -0.61 -5.88 0.98
C LYS A 14 -1.63 -4.73 1.00
N CYS A 15 -1.12 -3.51 0.97
CA CYS A 15 -1.98 -2.32 0.98
C CYS A 15 -3.09 -2.46 -0.05
N SER A 16 -4.33 -2.38 0.41
CA SER A 16 -5.49 -2.50 -0.47
C SER A 16 -5.92 -1.12 -0.98
N ASP A 17 -4.93 -0.32 -1.37
CA ASP A 17 -5.21 1.02 -1.89
C ASP A 17 -4.43 1.27 -3.17
N CYS A 18 -3.12 1.04 -3.13
CA CYS A 18 -2.28 1.24 -4.30
C CYS A 18 -1.74 -0.09 -4.82
N GLY A 19 -1.21 -0.90 -3.92
CA GLY A 19 -0.68 -2.20 -4.29
C GLY A 19 0.76 -2.38 -3.87
N LYS A 20 1.02 -2.25 -2.57
CA LYS A 20 2.37 -2.40 -2.04
C LYS A 20 2.40 -3.45 -0.93
N ALA A 21 3.13 -4.53 -1.18
CA ALA A 21 3.24 -5.61 -0.21
C ALA A 21 4.42 -5.37 0.74
N PHE A 22 4.22 -5.67 2.02
CA PHE A 22 5.26 -5.48 3.02
C PHE A 22 5.52 -6.78 3.77
N THR A 23 6.74 -6.92 4.28
CA THR A 23 7.13 -8.12 5.03
C THR A 23 6.60 -8.07 6.46
N ARG A 24 6.68 -6.90 7.07
CA ARG A 24 6.20 -6.73 8.44
C ARG A 24 5.09 -5.68 8.50
N LYS A 25 4.10 -5.94 9.35
CA LYS A 25 2.97 -5.03 9.50
C LYS A 25 3.44 -3.58 9.52
N SER A 26 4.48 -3.31 10.30
CA SER A 26 5.02 -1.96 10.41
C SER A 26 5.29 -1.37 9.03
N GLY A 27 6.13 -2.06 8.25
CA GLY A 27 6.46 -1.59 6.91
C GLY A 27 5.24 -1.06 6.17
N LEU A 28 4.08 -1.63 6.46
CA LEU A 28 2.84 -1.20 5.81
C LEU A 28 2.19 -0.07 6.59
N HIS A 29 2.10 -0.22 7.91
CA HIS A 29 1.50 0.80 8.76
C HIS A 29 2.02 2.19 8.40
N ILE A 30 3.34 2.36 8.45
CA ILE A 30 3.95 3.64 8.13
C ILE A 30 3.56 4.10 6.73
N HIS A 31 3.45 3.15 5.81
CA HIS A 31 3.08 3.46 4.43
C HIS A 31 1.66 4.02 4.37
N GLN A 32 0.73 3.34 5.04
CA GLN A 32 -0.66 3.77 5.05
C GLN A 32 -0.77 5.28 5.11
N GLN A 33 0.03 5.89 5.99
CA GLN A 33 0.02 7.34 6.15
C GLN A 33 -0.10 8.04 4.80
N SER A 34 0.79 7.69 3.88
CA SER A 34 0.78 8.29 2.54
C SER A 34 -0.65 8.56 2.08
N HIS A 35 -1.53 7.57 2.29
CA HIS A 35 -2.92 7.70 1.90
C HIS A 35 -3.73 8.42 2.98
N THR A 36 -3.28 9.60 3.37
CA THR A 36 -3.95 10.38 4.39
C THR A 36 -4.73 11.54 3.78
N GLY A 37 -4.51 11.77 2.48
CA GLY A 37 -5.20 12.85 1.80
C GLY A 37 -4.49 14.19 1.96
N GLU A 38 -4.57 14.75 3.17
CA GLU A 38 -3.92 16.02 3.44
C GLU A 38 -2.42 15.96 3.19
N ARG A 39 -2.00 16.34 2.00
CA ARG A 39 -0.59 16.32 1.64
C ARG A 39 0.20 17.35 2.44
N HIS A 40 -0.22 18.61 2.34
CA HIS A 40 0.44 19.69 3.06
C HIS A 40 -0.48 20.30 4.11
N SER A 41 0.03 21.28 4.84
CA SER A 41 -0.76 21.95 5.88
C SER A 41 -2.20 22.15 5.43
N GLY A 42 -3.10 22.32 6.40
CA GLY A 42 -4.50 22.53 6.07
C GLY A 42 -4.98 23.90 6.48
N PRO A 43 -6.15 24.30 5.94
CA PRO A 43 -6.75 25.61 6.24
C PRO A 43 -7.26 25.70 7.68
N SER A 44 -7.21 24.57 8.39
CA SER A 44 -7.67 24.52 9.77
C SER A 44 -7.10 25.69 10.57
N SER A 45 -7.77 26.04 11.67
CA SER A 45 -7.33 27.13 12.52
C SER A 45 -5.81 27.17 12.62
N GLY A 46 -5.26 28.36 12.79
CA GLY A 46 -3.82 28.51 12.89
C GLY A 46 -3.22 29.21 11.69
N GLY A 1 6.43 -10.88 -26.58
CA GLY A 1 5.95 -9.51 -26.51
C GLY A 1 6.12 -8.92 -25.12
N SER A 2 5.85 -9.73 -24.10
CA SER A 2 5.96 -9.27 -22.72
C SER A 2 6.75 -10.28 -21.87
N SER A 3 7.66 -9.76 -21.05
CA SER A 3 8.47 -10.61 -20.19
C SER A 3 7.79 -10.86 -18.85
N GLY A 4 7.40 -9.76 -18.20
CA GLY A 4 6.74 -9.88 -16.90
C GLY A 4 7.55 -9.27 -15.78
N SER A 5 7.19 -9.60 -14.54
CA SER A 5 7.89 -9.07 -13.38
C SER A 5 8.24 -10.19 -12.41
N SER A 6 9.53 -10.44 -12.23
CA SER A 6 9.99 -11.50 -11.32
C SER A 6 9.87 -11.05 -9.87
N GLY A 7 9.40 -11.95 -9.02
CA GLY A 7 9.24 -11.64 -7.61
C GLY A 7 7.79 -11.55 -7.20
N THR A 8 7.06 -12.65 -7.34
CA THR A 8 5.65 -12.69 -6.98
C THR A 8 5.40 -11.99 -5.64
N GLY A 9 4.13 -11.70 -5.36
CA GLY A 9 3.79 -11.05 -4.12
C GLY A 9 3.22 -12.00 -3.08
N GLU A 10 4.05 -12.92 -2.61
CA GLU A 10 3.62 -13.90 -1.62
C GLU A 10 3.74 -13.34 -0.21
N LYS A 11 3.44 -12.05 -0.07
CA LYS A 11 3.51 -11.39 1.23
C LYS A 11 2.14 -11.38 1.90
N PRO A 12 2.14 -11.51 3.24
CA PRO A 12 0.91 -11.52 4.03
C PRO A 12 0.24 -10.15 4.08
N TYR A 13 1.05 -9.10 4.15
CA TYR A 13 0.53 -7.74 4.20
C TYR A 13 0.52 -7.12 2.80
N LYS A 14 -0.43 -6.20 2.59
CA LYS A 14 -0.55 -5.53 1.30
C LYS A 14 -1.46 -4.30 1.41
N CYS A 15 -1.11 -3.25 0.69
CA CYS A 15 -1.91 -2.03 0.70
C CYS A 15 -3.10 -2.13 -0.24
N SER A 16 -4.29 -2.22 0.34
CA SER A 16 -5.52 -2.33 -0.45
C SER A 16 -5.97 -0.96 -0.95
N ASP A 17 -5.02 -0.16 -1.39
CA ASP A 17 -5.32 1.17 -1.90
C ASP A 17 -4.63 1.42 -3.24
N CYS A 18 -3.32 1.18 -3.28
CA CYS A 18 -2.54 1.38 -4.49
C CYS A 18 -2.03 0.05 -5.02
N GLY A 19 -1.47 -0.77 -4.14
CA GLY A 19 -0.94 -2.05 -4.53
C GLY A 19 0.51 -2.24 -4.12
N LYS A 20 0.77 -2.16 -2.82
CA LYS A 20 2.13 -2.32 -2.31
C LYS A 20 2.17 -3.38 -1.22
N ALA A 21 2.97 -4.42 -1.44
CA ALA A 21 3.09 -5.51 -0.48
C ALA A 21 4.26 -5.26 0.48
N PHE A 22 4.14 -5.78 1.69
CA PHE A 22 5.19 -5.60 2.70
C PHE A 22 5.46 -6.91 3.43
N THR A 23 6.49 -6.91 4.28
CA THR A 23 6.85 -8.09 5.04
C THR A 23 6.57 -7.90 6.53
N ARG A 24 6.78 -6.68 7.01
CA ARG A 24 6.55 -6.36 8.41
C ARG A 24 5.29 -5.52 8.58
N LYS A 25 4.55 -5.80 9.64
CA LYS A 25 3.31 -5.07 9.91
C LYS A 25 3.54 -3.57 9.85
N SER A 26 4.54 -3.09 10.59
CA SER A 26 4.86 -1.67 10.62
C SER A 26 5.23 -1.17 9.23
N GLY A 27 6.02 -1.97 8.50
CA GLY A 27 6.43 -1.59 7.17
C GLY A 27 5.29 -1.03 6.34
N LEU A 28 4.11 -1.63 6.48
CA LEU A 28 2.93 -1.18 5.75
C LEU A 28 2.22 -0.06 6.48
N HIS A 29 1.88 -0.30 7.75
CA HIS A 29 1.20 0.68 8.56
C HIS A 29 1.72 2.09 8.27
N ILE A 30 3.04 2.22 8.18
CA ILE A 30 3.67 3.51 7.91
C ILE A 30 3.33 3.99 6.50
N HIS A 31 3.45 3.10 5.53
CA HIS A 31 3.15 3.43 4.14
C HIS A 31 1.71 3.92 4.00
N GLN A 32 0.79 3.25 4.69
CA GLN A 32 -0.62 3.62 4.63
C GLN A 32 -0.80 5.10 4.92
N GLN A 33 -0.11 5.60 5.93
CA GLN A 33 -0.21 7.01 6.30
C GLN A 33 -0.02 7.91 5.08
N SER A 34 0.93 7.55 4.24
CA SER A 34 1.21 8.32 3.03
C SER A 34 -0.08 8.59 2.25
N HIS A 35 -1.04 7.67 2.36
CA HIS A 35 -2.30 7.81 1.65
C HIS A 35 -3.27 8.70 2.45
N THR A 36 -2.76 9.83 2.92
CA THR A 36 -3.56 10.77 3.69
C THR A 36 -4.82 11.17 2.93
N GLY A 37 -5.97 11.02 3.57
CA GLY A 37 -7.23 11.36 2.94
C GLY A 37 -8.34 10.39 3.28
N GLU A 38 -9.18 10.76 4.24
CA GLU A 38 -10.30 9.92 4.66
C GLU A 38 -11.53 10.74 4.98
N ARG A 39 -12.70 10.12 4.88
CA ARG A 39 -13.95 10.80 5.15
C ARG A 39 -13.97 11.37 6.57
N HIS A 40 -13.48 10.58 7.52
CA HIS A 40 -13.43 11.00 8.92
C HIS A 40 -12.24 11.90 9.17
N SER A 41 -12.36 13.17 8.81
CA SER A 41 -11.27 14.13 9.00
C SER A 41 -11.77 15.56 8.77
N GLY A 42 -11.25 16.48 9.57
CA GLY A 42 -11.65 17.88 9.44
C GLY A 42 -11.07 18.53 8.19
N PRO A 43 -11.83 19.47 7.61
CA PRO A 43 -11.42 20.18 6.41
C PRO A 43 -10.27 21.14 6.67
N SER A 44 -10.28 21.77 7.85
CA SER A 44 -9.24 22.71 8.22
C SER A 44 -7.96 21.99 8.62
N SER A 45 -7.03 21.88 7.67
CA SER A 45 -5.75 21.20 7.93
C SER A 45 -4.58 22.05 7.45
N GLY A 46 -4.72 22.61 6.25
CA GLY A 46 -3.67 23.45 5.70
C GLY A 46 -2.43 22.64 5.33
N GLY A 1 -1.55 -14.63 -22.19
CA GLY A 1 -1.76 -15.54 -21.08
C GLY A 1 -0.52 -15.71 -20.22
N SER A 2 -0.65 -15.40 -18.94
CA SER A 2 0.48 -15.51 -18.01
C SER A 2 0.33 -16.75 -17.13
N SER A 3 1.35 -17.60 -17.15
CA SER A 3 1.34 -18.82 -16.36
C SER A 3 1.75 -18.54 -14.92
N GLY A 4 0.81 -18.72 -13.99
CA GLY A 4 1.09 -18.48 -12.59
C GLY A 4 0.33 -17.29 -12.04
N SER A 5 -0.90 -17.53 -11.60
CA SER A 5 -1.74 -16.46 -11.05
C SER A 5 -1.39 -16.20 -9.58
N SER A 6 -1.40 -17.26 -8.78
CA SER A 6 -1.09 -17.14 -7.37
C SER A 6 0.19 -17.89 -7.02
N GLY A 7 1.09 -17.21 -6.32
CA GLY A 7 2.35 -17.83 -5.94
C GLY A 7 3.51 -16.84 -5.95
N THR A 8 3.75 -16.22 -7.10
CA THR A 8 4.83 -15.26 -7.24
C THR A 8 4.53 -13.98 -6.48
N GLY A 9 5.04 -13.88 -5.25
CA GLY A 9 4.80 -12.69 -4.44
C GLY A 9 3.62 -12.86 -3.50
N GLU A 10 3.81 -13.70 -2.47
CA GLU A 10 2.75 -13.94 -1.50
C GLU A 10 3.16 -13.42 -0.12
N LYS A 11 2.81 -12.17 0.16
CA LYS A 11 3.13 -11.56 1.44
C LYS A 11 1.90 -11.54 2.36
N PRO A 12 2.15 -11.59 3.68
CA PRO A 12 1.08 -11.57 4.68
C PRO A 12 0.39 -10.22 4.77
N TYR A 13 1.10 -9.17 4.35
CA TYR A 13 0.55 -7.82 4.38
C TYR A 13 0.78 -7.11 3.05
N LYS A 14 -0.18 -6.26 2.68
CA LYS A 14 -0.09 -5.51 1.42
C LYS A 14 -1.07 -4.35 1.41
N CYS A 15 -0.77 -3.34 0.61
CA CYS A 15 -1.64 -2.17 0.50
C CYS A 15 -2.48 -2.23 -0.76
N SER A 16 -3.74 -1.83 -0.66
CA SER A 16 -4.66 -1.85 -1.79
C SER A 16 -4.73 -0.47 -2.44
N ASP A 17 -4.59 0.57 -1.62
CA ASP A 17 -4.64 1.95 -2.13
C ASP A 17 -3.77 2.11 -3.37
N CYS A 18 -2.50 1.72 -3.26
CA CYS A 18 -1.57 1.83 -4.38
C CYS A 18 -1.21 0.45 -4.91
N GLY A 19 -0.92 -0.47 -4.00
CA GLY A 19 -0.57 -1.83 -4.41
C GLY A 19 0.85 -2.19 -4.05
N LYS A 20 1.20 -2.06 -2.77
CA LYS A 20 2.54 -2.38 -2.30
C LYS A 20 2.51 -3.46 -1.23
N ALA A 21 3.22 -4.55 -1.47
CA ALA A 21 3.28 -5.65 -0.52
C ALA A 21 4.42 -5.47 0.47
N PHE A 22 4.17 -5.84 1.72
CA PHE A 22 5.17 -5.72 2.77
C PHE A 22 5.34 -7.04 3.53
N THR A 23 6.44 -7.15 4.26
CA THR A 23 6.72 -8.36 5.03
C THR A 23 6.23 -8.22 6.46
N ARG A 24 6.45 -7.05 7.05
CA ARG A 24 6.02 -6.79 8.42
C ARG A 24 4.85 -5.82 8.45
N LYS A 25 4.10 -5.85 9.55
CA LYS A 25 2.94 -4.97 9.70
C LYS A 25 3.34 -3.51 9.62
N SER A 26 4.48 -3.19 10.22
CA SER A 26 4.99 -1.81 10.23
C SER A 26 5.09 -1.27 8.80
N GLY A 27 5.91 -1.92 7.98
CA GLY A 27 6.08 -1.49 6.60
C GLY A 27 4.79 -1.01 5.99
N LEU A 28 3.68 -1.63 6.38
CA LEU A 28 2.37 -1.24 5.85
C LEU A 28 1.76 -0.11 6.67
N HIS A 29 1.97 -0.16 7.98
CA HIS A 29 1.44 0.86 8.88
C HIS A 29 1.91 2.25 8.45
N ILE A 30 3.22 2.46 8.43
CA ILE A 30 3.80 3.74 8.04
C ILE A 30 3.38 4.11 6.61
N HIS A 31 3.64 3.21 5.68
CA HIS A 31 3.29 3.44 4.27
C HIS A 31 1.85 3.94 4.15
N GLN A 32 0.94 3.23 4.79
CA GLN A 32 -0.48 3.60 4.75
C GLN A 32 -0.66 5.09 5.01
N GLN A 33 0.06 5.60 6.00
CA GLN A 33 -0.02 7.01 6.36
C GLN A 33 -0.03 7.89 5.11
N SER A 34 0.88 7.60 4.20
CA SER A 34 0.99 8.37 2.95
C SER A 34 -0.39 8.52 2.30
N HIS A 35 -1.17 7.45 2.34
CA HIS A 35 -2.51 7.47 1.75
C HIS A 35 -3.54 7.99 2.74
N THR A 36 -3.48 9.29 3.02
CA THR A 36 -4.40 9.92 3.96
C THR A 36 -4.99 11.20 3.37
N GLY A 37 -6.27 11.15 3.03
CA GLY A 37 -6.93 12.32 2.48
C GLY A 37 -6.52 12.57 1.03
N GLU A 38 -7.26 13.46 0.36
CA GLU A 38 -6.98 13.79 -1.03
C GLU A 38 -6.76 15.29 -1.21
N ARG A 39 -5.51 15.68 -1.42
CA ARG A 39 -5.16 17.08 -1.60
C ARG A 39 -4.89 17.40 -3.07
N HIS A 40 -5.93 17.77 -3.80
CA HIS A 40 -5.80 18.09 -5.21
C HIS A 40 -4.57 18.95 -5.46
N SER A 41 -4.38 19.96 -4.63
CA SER A 41 -3.22 20.86 -4.76
C SER A 41 -1.93 20.16 -4.36
N GLY A 42 -1.28 19.53 -5.33
CA GLY A 42 -0.04 18.83 -5.06
C GLY A 42 0.17 17.66 -5.99
N PRO A 43 1.44 17.39 -6.33
CA PRO A 43 1.80 16.28 -7.22
C PRO A 43 1.60 14.92 -6.57
N SER A 44 0.46 14.31 -6.85
CA SER A 44 0.13 12.99 -6.29
C SER A 44 0.64 11.88 -7.20
N SER A 45 1.35 10.93 -6.59
CA SER A 45 1.91 9.80 -7.34
C SER A 45 1.46 8.47 -6.74
N GLY A 46 1.08 7.54 -7.60
CA GLY A 46 0.64 6.24 -7.13
C GLY A 46 -0.71 5.84 -7.72
N GLY A 1 -1.22 -6.39 -22.51
CA GLY A 1 -0.47 -7.62 -22.30
C GLY A 1 0.07 -7.73 -20.88
N SER A 2 0.02 -8.93 -20.32
CA SER A 2 0.50 -9.17 -18.96
C SER A 2 1.48 -10.34 -18.93
N SER A 3 2.74 -10.05 -18.63
CA SER A 3 3.77 -11.07 -18.56
C SER A 3 4.71 -10.83 -17.39
N GLY A 4 4.90 -11.86 -16.56
CA GLY A 4 5.77 -11.73 -15.41
C GLY A 4 5.23 -12.45 -14.19
N SER A 5 5.40 -11.84 -13.02
CA SER A 5 4.93 -12.43 -11.77
C SER A 5 5.60 -13.78 -11.51
N SER A 6 6.90 -13.83 -11.76
CA SER A 6 7.67 -15.05 -11.56
C SER A 6 8.63 -14.92 -10.38
N GLY A 7 8.14 -14.32 -9.30
CA GLY A 7 8.96 -14.13 -8.12
C GLY A 7 9.01 -15.37 -7.24
N THR A 8 9.77 -15.29 -6.16
CA THR A 8 9.90 -16.41 -5.24
C THR A 8 9.13 -16.16 -3.95
N GLY A 9 7.84 -16.48 -3.96
CA GLY A 9 7.01 -16.28 -2.79
C GLY A 9 6.37 -14.90 -2.75
N GLU A 10 5.23 -14.80 -2.08
CA GLU A 10 4.52 -13.53 -1.98
C GLU A 10 4.42 -13.08 -0.52
N LYS A 11 4.21 -11.78 -0.34
CA LYS A 11 4.10 -11.22 1.01
C LYS A 11 2.66 -11.32 1.52
N PRO A 12 2.52 -11.51 2.84
CA PRO A 12 1.21 -11.63 3.49
C PRO A 12 0.45 -10.31 3.50
N TYR A 13 1.18 -9.21 3.72
CA TYR A 13 0.57 -7.89 3.75
C TYR A 13 0.54 -7.27 2.35
N LYS A 14 -0.64 -6.78 1.97
CA LYS A 14 -0.81 -6.15 0.66
C LYS A 14 -1.71 -4.93 0.75
N CYS A 15 -1.11 -3.75 0.59
CA CYS A 15 -1.87 -2.51 0.66
C CYS A 15 -3.03 -2.52 -0.35
N SER A 16 -4.21 -2.12 0.13
CA SER A 16 -5.39 -2.08 -0.72
C SER A 16 -5.71 -0.66 -1.15
N ASP A 17 -4.68 0.07 -1.56
CA ASP A 17 -4.84 1.45 -2.01
C ASP A 17 -4.10 1.68 -3.32
N CYS A 18 -2.84 1.24 -3.36
CA CYS A 18 -2.02 1.41 -4.56
C CYS A 18 -1.55 0.06 -5.09
N GLY A 19 -1.02 -0.77 -4.20
CA GLY A 19 -0.55 -2.08 -4.60
C GLY A 19 0.85 -2.37 -4.07
N LYS A 20 1.08 -2.03 -2.81
CA LYS A 20 2.39 -2.26 -2.19
C LYS A 20 2.27 -3.29 -1.06
N ALA A 21 3.08 -4.34 -1.15
CA ALA A 21 3.07 -5.39 -0.13
C ALA A 21 4.25 -5.23 0.82
N PHE A 22 4.14 -5.86 1.99
CA PHE A 22 5.20 -5.79 2.99
C PHE A 22 5.36 -7.12 3.72
N THR A 23 6.40 -7.22 4.54
CA THR A 23 6.65 -8.45 5.30
C THR A 23 6.25 -8.29 6.76
N ARG A 24 6.31 -7.06 7.25
CA ARG A 24 5.95 -6.77 8.63
C ARG A 24 4.78 -5.80 8.70
N LYS A 25 4.22 -5.64 9.89
CA LYS A 25 3.09 -4.74 10.10
C LYS A 25 3.50 -3.29 9.87
N SER A 26 4.45 -2.82 10.67
CA SER A 26 4.94 -1.45 10.56
C SER A 26 5.21 -1.09 9.10
N GLY A 27 6.08 -1.86 8.46
CA GLY A 27 6.41 -1.60 7.07
C GLY A 27 5.23 -1.08 6.28
N LEU A 28 4.06 -1.66 6.53
CA LEU A 28 2.84 -1.26 5.82
C LEU A 28 2.18 -0.06 6.53
N HIS A 29 1.97 -0.19 7.83
CA HIS A 29 1.36 0.87 8.62
C HIS A 29 1.92 2.22 8.23
N ILE A 30 3.24 2.31 8.16
CA ILE A 30 3.90 3.56 7.79
C ILE A 30 3.52 4.00 6.38
N HIS A 31 3.58 3.06 5.44
CA HIS A 31 3.23 3.34 4.05
C HIS A 31 1.78 3.80 3.94
N GLN A 32 0.95 3.39 4.89
CA GLN A 32 -0.46 3.76 4.88
C GLN A 32 -0.65 5.16 5.45
N GLN A 33 0.43 5.73 5.98
CA GLN A 33 0.36 7.07 6.56
C GLN A 33 0.41 8.13 5.46
N SER A 34 0.36 7.68 4.21
CA SER A 34 0.40 8.60 3.08
C SER A 34 -0.73 8.29 2.09
N HIS A 35 -1.81 7.73 2.61
CA HIS A 35 -2.96 7.39 1.79
C HIS A 35 -4.22 8.09 2.29
N THR A 36 -4.03 9.26 2.91
CA THR A 36 -5.15 10.04 3.43
C THR A 36 -5.71 10.97 2.37
N GLY A 37 -4.81 11.69 1.69
CA GLY A 37 -5.25 12.61 0.66
C GLY A 37 -4.23 12.76 -0.45
N GLU A 38 -4.56 12.24 -1.63
CA GLU A 38 -3.66 12.31 -2.78
C GLU A 38 -3.73 13.69 -3.43
N ARG A 39 -4.94 14.23 -3.53
CA ARG A 39 -5.14 15.54 -4.14
C ARG A 39 -4.02 16.50 -3.76
N HIS A 40 -3.83 17.54 -4.56
CA HIS A 40 -2.80 18.53 -4.30
C HIS A 40 -3.38 19.75 -3.59
N SER A 41 -4.57 20.15 -4.00
CA SER A 41 -5.24 21.31 -3.41
C SER A 41 -4.97 21.38 -1.90
N GLY A 42 -4.42 22.50 -1.46
CA GLY A 42 -4.13 22.67 -0.05
C GLY A 42 -4.45 24.07 0.45
N PRO A 43 -3.61 25.04 0.07
CA PRO A 43 -3.79 26.44 0.47
C PRO A 43 -5.01 27.08 -0.19
N SER A 44 -5.27 28.33 0.16
CA SER A 44 -6.41 29.06 -0.39
C SER A 44 -6.03 29.73 -1.72
N SER A 45 -5.07 30.64 -1.65
CA SER A 45 -4.62 31.36 -2.84
C SER A 45 -3.88 30.42 -3.79
N GLY A 46 -4.62 29.88 -4.75
CA GLY A 46 -4.02 28.97 -5.71
C GLY A 46 -4.56 27.56 -5.60
N GLY A 1 -4.77 -2.61 -14.18
CA GLY A 1 -4.35 -3.85 -13.55
C GLY A 1 -5.51 -4.74 -13.16
N SER A 2 -5.80 -4.80 -11.86
CA SER A 2 -6.90 -5.62 -11.36
C SER A 2 -6.66 -7.10 -11.68
N SER A 3 -5.42 -7.54 -11.50
CA SER A 3 -5.05 -8.93 -11.77
C SER A 3 -4.17 -9.48 -10.65
N GLY A 4 -4.32 -10.78 -10.39
CA GLY A 4 -3.53 -11.41 -9.35
C GLY A 4 -4.17 -12.69 -8.83
N SER A 5 -4.24 -13.70 -9.70
CA SER A 5 -4.83 -14.97 -9.32
C SER A 5 -3.80 -15.89 -8.68
N SER A 6 -3.54 -15.67 -7.39
CA SER A 6 -2.56 -16.47 -6.66
C SER A 6 -3.00 -16.68 -5.21
N GLY A 7 -2.21 -17.43 -4.46
CA GLY A 7 -2.54 -17.69 -3.08
C GLY A 7 -1.52 -18.61 -2.40
N THR A 8 -1.64 -18.74 -1.09
CA THR A 8 -0.72 -19.59 -0.33
C THR A 8 0.72 -19.37 -0.76
N GLY A 9 1.10 -18.10 -0.93
CA GLY A 9 2.46 -17.77 -1.34
C GLY A 9 2.65 -16.28 -1.55
N GLU A 10 1.91 -15.48 -0.80
CA GLU A 10 2.00 -14.02 -0.92
C GLU A 10 2.39 -13.40 0.41
N LYS A 11 2.70 -12.11 0.38
CA LYS A 11 3.09 -11.38 1.59
C LYS A 11 1.93 -11.29 2.57
N PRO A 12 2.23 -11.36 3.87
CA PRO A 12 1.23 -11.29 4.93
C PRO A 12 0.62 -9.90 5.05
N TYR A 13 1.30 -8.90 4.48
CA TYR A 13 0.82 -7.53 4.53
C TYR A 13 0.82 -6.91 3.14
N LYS A 14 -0.25 -6.18 2.83
CA LYS A 14 -0.37 -5.53 1.53
C LYS A 14 -1.24 -4.27 1.64
N CYS A 15 -0.94 -3.28 0.79
CA CYS A 15 -1.69 -2.03 0.79
C CYS A 15 -2.93 -2.13 -0.08
N SER A 16 -4.09 -1.85 0.50
CA SER A 16 -5.35 -1.92 -0.22
C SER A 16 -5.75 -0.54 -0.76
N ASP A 17 -4.75 0.31 -0.94
CA ASP A 17 -4.99 1.67 -1.45
C ASP A 17 -4.31 1.86 -2.79
N CYS A 18 -3.07 1.42 -2.91
CA CYS A 18 -2.31 1.56 -4.14
C CYS A 18 -1.93 0.19 -4.70
N GLY A 19 -1.41 -0.68 -3.83
CA GLY A 19 -1.03 -2.02 -4.25
C GLY A 19 0.44 -2.29 -4.01
N LYS A 20 0.81 -2.37 -2.73
CA LYS A 20 2.20 -2.64 -2.35
C LYS A 20 2.27 -3.74 -1.30
N ALA A 21 3.17 -4.69 -1.51
CA ALA A 21 3.34 -5.80 -0.58
C ALA A 21 4.50 -5.52 0.38
N PHE A 22 4.35 -5.99 1.61
CA PHE A 22 5.39 -5.80 2.63
C PHE A 22 5.68 -7.10 3.36
N THR A 23 6.86 -7.18 3.97
CA THR A 23 7.26 -8.37 4.70
C THR A 23 6.86 -8.28 6.17
N ARG A 24 6.73 -7.06 6.67
CA ARG A 24 6.34 -6.84 8.05
C ARG A 24 5.05 -6.04 8.14
N LYS A 25 4.47 -5.98 9.33
CA LYS A 25 3.22 -5.25 9.56
C LYS A 25 3.46 -3.75 9.49
N SER A 26 4.45 -3.27 10.22
CA SER A 26 4.79 -1.85 10.26
C SER A 26 4.91 -1.30 8.84
N GLY A 27 5.81 -1.88 8.06
CA GLY A 27 6.01 -1.44 6.69
C GLY A 27 4.72 -0.96 6.04
N LEU A 28 3.61 -1.59 6.40
CA LEU A 28 2.32 -1.23 5.84
C LEU A 28 1.68 -0.09 6.64
N HIS A 29 1.75 -0.20 7.97
CA HIS A 29 1.18 0.82 8.85
C HIS A 29 1.72 2.20 8.49
N ILE A 30 3.04 2.33 8.44
CA ILE A 30 3.68 3.59 8.12
C ILE A 30 3.40 3.99 6.68
N HIS A 31 3.44 3.01 5.77
CA HIS A 31 3.19 3.26 4.36
C HIS A 31 1.79 3.85 4.15
N GLN A 32 0.82 3.34 4.89
CA GLN A 32 -0.55 3.81 4.79
C GLN A 32 -0.62 5.32 5.01
N GLN A 33 0.13 5.81 6.00
CA GLN A 33 0.15 7.23 6.31
C GLN A 33 0.17 8.07 5.02
N SER A 34 0.96 7.63 4.05
CA SER A 34 1.07 8.35 2.79
C SER A 34 -0.30 8.63 2.20
N HIS A 35 -1.17 7.63 2.22
CA HIS A 35 -2.53 7.77 1.69
C HIS A 35 -3.43 8.46 2.70
N THR A 36 -2.91 9.50 3.35
CA THR A 36 -3.68 10.25 4.34
C THR A 36 -3.76 11.72 3.98
N GLY A 37 -2.60 12.35 3.81
CA GLY A 37 -2.57 13.76 3.46
C GLY A 37 -2.94 14.01 2.01
N GLU A 38 -2.01 13.74 1.11
CA GLU A 38 -2.25 13.93 -0.32
C GLU A 38 -3.01 12.75 -0.91
N ARG A 39 -4.06 13.04 -1.66
CA ARG A 39 -4.87 12.00 -2.29
C ARG A 39 -4.75 12.06 -3.81
N HIS A 40 -3.82 11.28 -4.36
CA HIS A 40 -3.61 11.24 -5.79
C HIS A 40 -4.37 10.09 -6.44
N SER A 41 -5.66 10.30 -6.67
CA SER A 41 -6.52 9.29 -7.27
C SER A 41 -7.81 9.90 -7.79
N GLY A 42 -8.62 9.08 -8.45
CA GLY A 42 -9.88 9.56 -9.00
C GLY A 42 -9.68 10.42 -10.24
N PRO A 43 -9.53 9.77 -11.41
CA PRO A 43 -9.33 10.47 -12.67
C PRO A 43 -10.58 11.19 -13.14
N SER A 44 -10.50 11.83 -14.31
CA SER A 44 -11.63 12.57 -14.86
C SER A 44 -12.12 11.93 -16.16
N SER A 45 -13.34 11.42 -16.13
CA SER A 45 -13.93 10.77 -17.30
C SER A 45 -13.06 9.62 -17.78
N GLY A 46 -12.58 8.81 -16.84
CA GLY A 46 -11.74 7.68 -17.18
C GLY A 46 -12.50 6.38 -17.23
N GLY A 1 11.78 -3.93 -23.66
CA GLY A 1 10.77 -3.92 -22.61
C GLY A 1 10.99 -5.00 -21.58
N SER A 2 10.13 -6.01 -21.60
CA SER A 2 10.24 -7.11 -20.65
C SER A 2 10.33 -6.60 -19.22
N SER A 3 9.54 -5.57 -18.91
CA SER A 3 9.54 -4.97 -17.58
C SER A 3 8.13 -4.98 -16.99
N GLY A 4 8.01 -5.49 -15.77
CA GLY A 4 6.73 -5.55 -15.11
C GLY A 4 6.63 -6.69 -14.12
N SER A 5 6.16 -6.38 -12.91
CA SER A 5 6.04 -7.40 -11.87
C SER A 5 4.91 -7.04 -10.91
N SER A 6 4.28 -8.05 -10.32
CA SER A 6 3.19 -7.84 -9.39
C SER A 6 3.48 -8.53 -8.05
N GLY A 7 2.67 -8.21 -7.04
CA GLY A 7 2.86 -8.80 -5.73
C GLY A 7 2.33 -10.23 -5.66
N THR A 8 2.49 -10.86 -4.51
CA THR A 8 2.03 -12.23 -4.31
C THR A 8 1.39 -12.41 -2.94
N GLY A 9 0.36 -13.24 -2.87
CA GLY A 9 -0.31 -13.48 -1.61
C GLY A 9 0.62 -14.02 -0.54
N GLU A 10 1.80 -14.48 -0.96
CA GLU A 10 2.78 -15.02 -0.03
C GLU A 10 2.90 -14.14 1.21
N LYS A 11 2.97 -12.82 0.98
CA LYS A 11 3.09 -11.87 2.08
C LYS A 11 1.72 -11.60 2.71
N PRO A 12 1.72 -11.41 4.04
CA PRO A 12 0.49 -11.14 4.79
C PRO A 12 -0.06 -9.75 4.50
N TYR A 13 0.82 -8.80 4.25
CA TYR A 13 0.42 -7.43 3.95
C TYR A 13 0.37 -7.19 2.45
N LYS A 14 -0.65 -6.45 2.01
CA LYS A 14 -0.81 -6.14 0.59
C LYS A 14 -1.76 -4.97 0.39
N CYS A 15 -1.22 -3.82 0.02
CA CYS A 15 -2.03 -2.62 -0.19
C CYS A 15 -2.86 -2.76 -1.47
N SER A 16 -4.01 -2.10 -1.49
CA SER A 16 -4.90 -2.14 -2.65
C SER A 16 -4.99 -0.78 -3.32
N ASP A 17 -4.74 0.27 -2.53
CA ASP A 17 -4.80 1.64 -3.05
C ASP A 17 -3.84 1.81 -4.22
N CYS A 18 -2.59 1.42 -4.01
CA CYS A 18 -1.57 1.54 -5.04
C CYS A 18 -1.16 0.16 -5.58
N GLY A 19 -1.02 -0.79 -4.67
CA GLY A 19 -0.65 -2.14 -5.07
C GLY A 19 0.76 -2.50 -4.64
N LYS A 20 0.97 -2.58 -3.33
CA LYS A 20 2.28 -2.92 -2.78
C LYS A 20 2.16 -3.99 -1.70
N ALA A 21 3.29 -4.50 -1.25
CA ALA A 21 3.32 -5.53 -0.21
C ALA A 21 4.43 -5.26 0.80
N PHE A 22 4.37 -5.96 1.93
CA PHE A 22 5.38 -5.80 2.98
C PHE A 22 5.57 -7.10 3.75
N THR A 23 6.60 -7.14 4.58
CA THR A 23 6.90 -8.33 5.38
C THR A 23 6.57 -8.10 6.85
N ARG A 24 6.68 -6.84 7.28
CA ARG A 24 6.39 -6.49 8.67
C ARG A 24 5.18 -5.58 8.76
N LYS A 25 4.50 -5.62 9.91
CA LYS A 25 3.32 -4.80 10.12
C LYS A 25 3.64 -3.32 9.94
N SER A 26 4.74 -2.89 10.54
CA SER A 26 5.17 -1.49 10.44
C SER A 26 5.34 -1.07 8.98
N GLY A 27 6.01 -1.92 8.21
CA GLY A 27 6.24 -1.62 6.81
C GLY A 27 4.99 -1.13 6.11
N LEU A 28 3.85 -1.69 6.49
CA LEU A 28 2.58 -1.30 5.89
C LEU A 28 1.98 -0.09 6.61
N HIS A 29 1.99 -0.14 7.94
CA HIS A 29 1.45 0.95 8.74
C HIS A 29 1.95 2.31 8.24
N ILE A 30 3.28 2.45 8.20
CA ILE A 30 3.89 3.70 7.74
C ILE A 30 3.45 4.03 6.31
N HIS A 31 3.36 3.00 5.48
CA HIS A 31 2.95 3.17 4.09
C HIS A 31 1.52 3.74 4.00
N GLN A 32 0.64 3.21 4.85
CA GLN A 32 -0.74 3.65 4.86
C GLN A 32 -0.83 5.16 5.11
N GLN A 33 -0.16 5.62 6.16
CA GLN A 33 -0.16 7.04 6.50
C GLN A 33 0.00 7.90 5.25
N SER A 34 1.02 7.59 4.46
CA SER A 34 1.29 8.35 3.24
C SER A 34 0.00 8.60 2.46
N HIS A 35 -0.68 7.52 2.08
CA HIS A 35 -1.92 7.64 1.34
C HIS A 35 -2.84 8.69 1.96
N THR A 36 -3.13 8.53 3.25
CA THR A 36 -3.99 9.47 3.95
C THR A 36 -3.50 10.91 3.79
N GLY A 37 -4.43 11.86 3.89
CA GLY A 37 -4.06 13.26 3.74
C GLY A 37 -4.46 13.83 2.41
N GLU A 38 -3.49 14.29 1.64
CA GLU A 38 -3.75 14.87 0.33
C GLU A 38 -2.82 14.28 -0.72
N ARG A 39 -3.37 13.44 -1.60
CA ARG A 39 -2.59 12.81 -2.65
C ARG A 39 -3.49 12.32 -3.78
N HIS A 40 -3.33 12.91 -4.97
CA HIS A 40 -4.12 12.54 -6.12
C HIS A 40 -4.14 11.03 -6.31
N SER A 41 -5.30 10.42 -6.07
CA SER A 41 -5.46 8.98 -6.20
C SER A 41 -6.24 8.63 -7.46
N GLY A 42 -5.56 8.66 -8.60
CA GLY A 42 -6.20 8.34 -9.86
C GLY A 42 -6.79 9.57 -10.53
N PRO A 43 -5.91 10.48 -10.98
CA PRO A 43 -6.33 11.72 -11.64
C PRO A 43 -6.91 11.46 -13.03
N SER A 44 -8.24 11.43 -13.12
CA SER A 44 -8.91 11.18 -14.39
C SER A 44 -8.61 9.78 -14.90
N SER A 45 -8.31 8.86 -13.99
CA SER A 45 -8.01 7.49 -14.35
C SER A 45 -8.96 6.51 -13.67
N GLY A 46 -9.74 5.79 -14.47
CA GLY A 46 -10.69 4.84 -13.93
C GLY A 46 -11.40 4.04 -15.01
N GLY A 1 -2.88 -16.41 -28.78
CA GLY A 1 -3.55 -15.72 -27.69
C GLY A 1 -2.75 -15.74 -26.41
N SER A 2 -3.12 -14.89 -25.47
CA SER A 2 -2.43 -14.81 -24.19
C SER A 2 -3.36 -14.29 -23.10
N SER A 3 -3.45 -15.05 -22.01
CA SER A 3 -4.32 -14.67 -20.88
C SER A 3 -3.81 -13.40 -20.22
N GLY A 4 -2.51 -13.35 -19.96
CA GLY A 4 -1.93 -12.18 -19.33
C GLY A 4 -2.37 -12.02 -17.88
N SER A 5 -1.90 -12.93 -17.02
CA SER A 5 -2.26 -12.88 -15.61
C SER A 5 -1.06 -12.46 -14.76
N SER A 6 -1.15 -11.26 -14.20
CA SER A 6 -0.08 -10.73 -13.36
C SER A 6 -0.17 -11.27 -11.94
N GLY A 7 0.98 -11.33 -11.26
CA GLY A 7 1.00 -11.83 -9.89
C GLY A 7 2.37 -11.70 -9.26
N THR A 8 2.59 -10.60 -8.56
CA THR A 8 3.87 -10.34 -7.90
C THR A 8 3.66 -9.82 -6.48
N GLY A 9 4.24 -10.52 -5.51
CA GLY A 9 4.11 -10.11 -4.12
C GLY A 9 3.80 -11.26 -3.19
N GLU A 10 4.80 -11.67 -2.42
CA GLU A 10 4.64 -12.78 -1.48
C GLU A 10 4.99 -12.35 -0.06
N LYS A 11 4.09 -11.57 0.56
CA LYS A 11 4.29 -11.09 1.91
C LYS A 11 3.03 -11.28 2.76
N PRO A 12 3.21 -11.25 4.08
CA PRO A 12 2.08 -11.41 5.02
C PRO A 12 1.15 -10.21 5.01
N TYR A 13 1.60 -9.11 4.42
CA TYR A 13 0.80 -7.89 4.35
C TYR A 13 0.87 -7.28 2.96
N LYS A 14 -0.05 -6.37 2.68
CA LYS A 14 -0.09 -5.69 1.38
C LYS A 14 -1.12 -4.56 1.38
N CYS A 15 -0.75 -3.44 0.79
CA CYS A 15 -1.65 -2.28 0.72
C CYS A 15 -2.86 -2.59 -0.15
N SER A 16 -3.84 -1.69 -0.11
CA SER A 16 -5.06 -1.86 -0.89
C SER A 16 -5.29 -0.66 -1.80
N ASP A 17 -4.82 0.51 -1.37
CA ASP A 17 -4.98 1.74 -2.14
C ASP A 17 -4.13 1.69 -3.41
N CYS A 18 -2.90 1.23 -3.27
CA CYS A 18 -1.98 1.13 -4.41
C CYS A 18 -1.61 -0.32 -4.68
N GLY A 19 -1.40 -1.09 -3.62
CA GLY A 19 -1.04 -2.49 -3.77
C GLY A 19 0.45 -2.72 -3.60
N LYS A 20 0.91 -2.71 -2.36
CA LYS A 20 2.32 -2.92 -2.06
C LYS A 20 2.49 -3.95 -0.94
N ALA A 21 3.07 -5.10 -1.29
CA ALA A 21 3.28 -6.15 -0.31
C ALA A 21 4.42 -5.79 0.64
N PHE A 22 4.16 -5.89 1.93
CA PHE A 22 5.16 -5.58 2.95
C PHE A 22 5.48 -6.80 3.80
N THR A 23 6.77 -7.10 3.93
CA THR A 23 7.21 -8.25 4.72
C THR A 23 6.86 -8.08 6.19
N ARG A 24 6.84 -6.82 6.64
CA ARG A 24 6.52 -6.52 8.03
C ARG A 24 5.26 -5.67 8.13
N LYS A 25 4.50 -5.86 9.20
CA LYS A 25 3.27 -5.11 9.42
C LYS A 25 3.53 -3.60 9.33
N SER A 26 4.57 -3.15 10.03
CA SER A 26 4.92 -1.73 10.02
C SER A 26 4.98 -1.19 8.61
N GLY A 27 5.78 -1.84 7.76
CA GLY A 27 5.91 -1.40 6.39
C GLY A 27 4.59 -0.94 5.79
N LEU A 28 3.50 -1.55 6.24
CA LEU A 28 2.17 -1.20 5.75
C LEU A 28 1.58 -0.06 6.56
N HIS A 29 1.67 -0.17 7.88
CA HIS A 29 1.13 0.86 8.77
C HIS A 29 1.67 2.24 8.40
N ILE A 30 2.99 2.38 8.48
CA ILE A 30 3.64 3.65 8.16
C ILE A 30 3.36 4.06 6.71
N HIS A 31 3.32 3.07 5.82
CA HIS A 31 3.05 3.33 4.41
C HIS A 31 1.67 3.94 4.22
N GLN A 32 0.68 3.40 4.92
CA GLN A 32 -0.69 3.90 4.83
C GLN A 32 -0.74 5.40 5.07
N GLN A 33 -0.03 5.84 6.10
CA GLN A 33 0.00 7.27 6.44
C GLN A 33 0.29 8.12 5.21
N SER A 34 1.21 7.66 4.38
CA SER A 34 1.57 8.38 3.16
C SER A 34 0.32 8.78 2.38
N HIS A 35 -0.53 7.79 2.07
CA HIS A 35 -1.75 8.04 1.33
C HIS A 35 -2.54 9.20 1.94
N THR A 36 -2.81 9.11 3.24
CA THR A 36 -3.55 10.15 3.94
C THR A 36 -2.65 11.33 4.27
N GLY A 37 -2.80 12.42 3.52
CA GLY A 37 -2.00 13.60 3.76
C GLY A 37 -2.48 14.79 2.98
N GLU A 38 -1.76 15.13 1.90
CA GLU A 38 -2.13 16.27 1.06
C GLU A 38 -2.66 15.80 -0.28
N ARG A 39 -3.44 14.73 -0.26
CA ARG A 39 -4.02 14.18 -1.48
C ARG A 39 -5.20 15.03 -1.96
N HIS A 40 -5.18 15.38 -3.24
CA HIS A 40 -6.23 16.20 -3.83
C HIS A 40 -6.66 15.63 -5.18
N SER A 41 -7.92 15.20 -5.26
CA SER A 41 -8.46 14.63 -6.50
C SER A 41 -9.75 15.34 -6.89
N GLY A 42 -10.24 15.04 -8.09
CA GLY A 42 -11.47 15.64 -8.57
C GLY A 42 -12.54 14.62 -8.87
N PRO A 43 -13.27 14.20 -7.83
CA PRO A 43 -14.35 13.21 -7.96
C PRO A 43 -15.55 13.76 -8.71
N SER A 44 -15.53 15.07 -8.99
CA SER A 44 -16.63 15.72 -9.69
C SER A 44 -16.27 15.92 -11.17
N SER A 45 -15.61 14.92 -11.76
CA SER A 45 -15.21 15.00 -13.15
C SER A 45 -16.10 14.10 -14.02
N GLY A 46 -16.09 14.37 -15.32
CA GLY A 46 -16.91 13.58 -16.23
C GLY A 46 -17.60 14.43 -17.28
N GLY A 1 -7.89 -8.41 -14.27
CA GLY A 1 -6.52 -8.60 -13.83
C GLY A 1 -5.55 -7.66 -14.53
N SER A 2 -4.98 -6.74 -13.77
CA SER A 2 -4.04 -5.77 -14.32
C SER A 2 -2.79 -6.47 -14.86
N SER A 3 -1.95 -5.71 -15.55
CA SER A 3 -0.73 -6.26 -16.12
C SER A 3 0.50 -5.72 -15.39
N GLY A 4 1.30 -6.64 -14.83
CA GLY A 4 2.50 -6.25 -14.12
C GLY A 4 2.93 -7.29 -13.10
N SER A 5 2.36 -7.21 -11.90
CA SER A 5 2.70 -8.15 -10.83
C SER A 5 2.57 -9.59 -11.32
N SER A 6 3.69 -10.27 -11.49
CA SER A 6 3.70 -11.64 -11.95
C SER A 6 3.35 -12.60 -10.82
N GLY A 7 4.18 -12.58 -9.77
CA GLY A 7 3.95 -13.45 -8.63
C GLY A 7 5.22 -13.79 -7.89
N THR A 8 6.01 -12.77 -7.58
CA THR A 8 7.27 -12.97 -6.87
C THR A 8 7.10 -12.72 -5.37
N GLY A 9 6.91 -13.80 -4.62
CA GLY A 9 6.74 -13.69 -3.18
C GLY A 9 5.30 -13.41 -2.79
N GLU A 10 4.84 -14.12 -1.77
CA GLU A 10 3.46 -13.95 -1.29
C GLU A 10 3.44 -13.39 0.12
N LYS A 11 3.32 -12.07 0.23
CA LYS A 11 3.29 -11.41 1.53
C LYS A 11 1.86 -11.35 2.06
N PRO A 12 1.72 -11.50 3.39
CA PRO A 12 0.41 -11.45 4.06
C PRO A 12 -0.21 -10.06 4.05
N TYR A 13 0.64 -9.05 3.99
CA TYR A 13 0.18 -7.66 3.98
C TYR A 13 0.32 -7.05 2.58
N LYS A 14 -0.81 -6.66 2.00
CA LYS A 14 -0.82 -6.07 0.67
C LYS A 14 -1.79 -4.88 0.61
N CYS A 15 -1.23 -3.68 0.60
CA CYS A 15 -2.03 -2.47 0.54
C CYS A 15 -2.97 -2.50 -0.65
N SER A 16 -4.09 -1.78 -0.53
CA SER A 16 -5.09 -1.73 -1.60
C SER A 16 -5.08 -0.36 -2.28
N ASP A 17 -4.80 0.68 -1.50
CA ASP A 17 -4.77 2.04 -2.03
C ASP A 17 -3.92 2.10 -3.30
N CYS A 18 -2.73 1.51 -3.24
CA CYS A 18 -1.82 1.50 -4.38
C CYS A 18 -1.51 0.07 -4.83
N GLY A 19 -1.29 -0.81 -3.86
CA GLY A 19 -1.00 -2.20 -4.16
C GLY A 19 0.45 -2.56 -3.89
N LYS A 20 0.90 -2.30 -2.67
CA LYS A 20 2.27 -2.60 -2.28
C LYS A 20 2.31 -3.71 -1.23
N ALA A 21 3.20 -4.68 -1.43
CA ALA A 21 3.35 -5.79 -0.50
C ALA A 21 4.46 -5.53 0.51
N PHE A 22 4.24 -5.98 1.74
CA PHE A 22 5.22 -5.79 2.80
C PHE A 22 5.40 -7.07 3.61
N THR A 23 6.62 -7.33 4.04
CA THR A 23 6.92 -8.52 4.83
C THR A 23 6.68 -8.28 6.31
N ARG A 24 6.92 -7.06 6.75
CA ARG A 24 6.73 -6.70 8.15
C ARG A 24 5.36 -6.06 8.36
N LYS A 25 5.09 -5.65 9.59
CA LYS A 25 3.81 -5.03 9.93
C LYS A 25 3.92 -3.51 9.87
N SER A 26 4.90 -2.96 10.57
CA SER A 26 5.10 -1.52 10.59
C SER A 26 5.27 -0.97 9.18
N GLY A 27 5.97 -1.72 8.33
CA GLY A 27 6.18 -1.30 6.96
C GLY A 27 4.92 -0.81 6.29
N LEU A 28 3.82 -1.51 6.55
CA LEU A 28 2.53 -1.15 5.97
C LEU A 28 1.85 -0.03 6.77
N HIS A 29 1.92 -0.14 8.09
CA HIS A 29 1.32 0.86 8.96
C HIS A 29 1.79 2.26 8.58
N ILE A 30 3.11 2.44 8.49
CA ILE A 30 3.68 3.73 8.13
C ILE A 30 3.29 4.13 6.71
N HIS A 31 3.48 3.21 5.76
CA HIS A 31 3.16 3.47 4.37
C HIS A 31 1.73 3.99 4.24
N GLN A 32 0.77 3.20 4.70
CA GLN A 32 -0.64 3.58 4.64
C GLN A 32 -0.80 5.08 4.87
N GLN A 33 -0.14 5.59 5.90
CA GLN A 33 -0.22 7.01 6.23
C GLN A 33 0.02 7.87 5.00
N SER A 34 1.06 7.52 4.23
CA SER A 34 1.41 8.26 3.03
C SER A 34 0.16 8.61 2.23
N HIS A 35 -0.84 7.74 2.30
CA HIS A 35 -2.09 7.95 1.58
C HIS A 35 -3.00 8.93 2.34
N THR A 36 -2.51 10.14 2.54
CA THR A 36 -3.27 11.16 3.24
C THR A 36 -3.36 12.45 2.43
N GLY A 37 -2.24 12.85 1.84
CA GLY A 37 -2.22 14.06 1.05
C GLY A 37 -2.26 15.32 1.88
N GLU A 38 -3.34 15.48 2.66
CA GLU A 38 -3.49 16.65 3.51
C GLU A 38 -2.23 16.90 4.34
N ARG A 39 -1.78 18.15 4.35
CA ARG A 39 -0.58 18.52 5.10
C ARG A 39 -0.93 18.92 6.53
N HIS A 40 -0.21 18.36 7.49
CA HIS A 40 -0.43 18.66 8.90
C HIS A 40 0.58 19.67 9.42
N SER A 41 0.10 20.70 10.09
CA SER A 41 0.96 21.74 10.63
C SER A 41 1.10 21.59 12.15
N GLY A 42 2.23 22.07 12.68
CA GLY A 42 2.46 21.98 14.10
C GLY A 42 1.44 22.75 14.91
N PRO A 43 1.20 22.30 16.15
CA PRO A 43 0.23 22.94 17.05
C PRO A 43 0.71 24.31 17.54
N SER A 44 -0.24 25.18 17.87
CA SER A 44 0.09 26.52 18.34
C SER A 44 0.03 26.58 19.86
N SER A 45 1.02 27.21 20.47
CA SER A 45 1.08 27.34 21.92
C SER A 45 0.73 28.76 22.35
N GLY A 46 0.35 28.90 23.62
CA GLY A 46 -0.01 30.21 24.14
C GLY A 46 0.91 31.31 23.64
N GLY A 1 1.94 -9.78 -21.98
CA GLY A 1 1.11 -9.20 -20.94
C GLY A 1 1.62 -9.50 -19.55
N SER A 2 0.70 -9.77 -18.63
CA SER A 2 1.06 -10.06 -17.25
C SER A 2 0.46 -11.39 -16.80
N SER A 3 0.52 -12.38 -17.68
CA SER A 3 -0.03 -13.70 -17.38
C SER A 3 0.88 -14.45 -16.41
N GLY A 4 0.26 -15.15 -15.45
CA GLY A 4 1.03 -15.91 -14.48
C GLY A 4 0.39 -15.89 -13.10
N SER A 5 0.70 -16.90 -12.30
CA SER A 5 0.15 -17.01 -10.95
C SER A 5 1.21 -16.68 -9.91
N SER A 6 0.78 -16.55 -8.65
CA SER A 6 1.69 -16.24 -7.56
C SER A 6 2.11 -17.51 -6.82
N GLY A 7 3.15 -18.16 -7.33
CA GLY A 7 3.63 -19.38 -6.71
C GLY A 7 4.00 -19.18 -5.26
N THR A 8 5.29 -18.90 -5.01
CA THR A 8 5.77 -18.69 -3.65
C THR A 8 4.79 -17.85 -2.84
N GLY A 9 4.59 -18.24 -1.59
CA GLY A 9 3.67 -17.52 -0.72
C GLY A 9 3.93 -16.03 -0.73
N GLU A 10 2.91 -15.26 -1.09
CA GLU A 10 3.02 -13.80 -1.14
C GLU A 10 3.20 -13.23 0.26
N LYS A 11 3.44 -11.92 0.32
CA LYS A 11 3.63 -11.24 1.60
C LYS A 11 2.35 -11.29 2.44
N PRO A 12 2.51 -11.43 3.76
CA PRO A 12 1.38 -11.48 4.70
C PRO A 12 0.67 -10.15 4.83
N TYR A 13 1.36 -9.07 4.44
CA TYR A 13 0.78 -7.73 4.52
C TYR A 13 0.74 -7.08 3.14
N LYS A 14 -0.29 -6.29 2.90
CA LYS A 14 -0.45 -5.60 1.62
C LYS A 14 -1.27 -4.34 1.78
N CYS A 15 -0.93 -3.31 1.00
CA CYS A 15 -1.64 -2.03 1.07
C CYS A 15 -2.90 -2.07 0.21
N SER A 16 -4.05 -2.01 0.86
CA SER A 16 -5.34 -2.04 0.17
C SER A 16 -5.69 -0.67 -0.38
N ASP A 17 -4.70 0.01 -0.94
CA ASP A 17 -4.90 1.35 -1.51
C ASP A 17 -4.35 1.44 -2.92
N CYS A 18 -3.07 1.11 -3.07
CA CYS A 18 -2.42 1.15 -4.37
C CYS A 18 -2.03 -0.25 -4.83
N GLY A 19 -1.45 -1.02 -3.92
CA GLY A 19 -1.04 -2.38 -4.25
C GLY A 19 0.42 -2.64 -3.92
N LYS A 20 0.81 -2.31 -2.70
CA LYS A 20 2.20 -2.52 -2.27
C LYS A 20 2.27 -3.56 -1.16
N ALA A 21 3.07 -4.59 -1.37
CA ALA A 21 3.22 -5.65 -0.38
C ALA A 21 4.45 -5.41 0.50
N PHE A 22 4.33 -5.73 1.78
CA PHE A 22 5.42 -5.55 2.73
C PHE A 22 5.71 -6.83 3.49
N THR A 23 6.82 -6.85 4.22
CA THR A 23 7.20 -8.02 4.99
C THR A 23 6.79 -7.88 6.45
N ARG A 24 7.01 -6.70 7.01
CA ARG A 24 6.65 -6.43 8.40
C ARG A 24 5.35 -5.64 8.49
N LYS A 25 4.54 -5.96 9.49
CA LYS A 25 3.26 -5.28 9.69
C LYS A 25 3.43 -3.76 9.61
N SER A 26 4.45 -3.25 10.29
CA SER A 26 4.72 -1.81 10.30
C SER A 26 4.94 -1.30 8.88
N GLY A 27 5.85 -1.95 8.16
CA GLY A 27 6.14 -1.54 6.80
C GLY A 27 4.92 -1.05 6.07
N LEU A 28 3.78 -1.69 6.30
CA LEU A 28 2.52 -1.30 5.66
C LEU A 28 1.87 -0.14 6.40
N HIS A 29 1.69 -0.30 7.71
CA HIS A 29 1.07 0.73 8.53
C HIS A 29 1.64 2.10 8.20
N ILE A 30 2.97 2.21 8.23
CA ILE A 30 3.64 3.47 7.93
C ILE A 30 3.32 3.94 6.52
N HIS A 31 3.39 3.02 5.56
CA HIS A 31 3.11 3.33 4.17
C HIS A 31 1.73 3.99 4.03
N GLN A 32 0.72 3.36 4.63
CA GLN A 32 -0.65 3.88 4.58
C GLN A 32 -0.68 5.36 4.92
N GLN A 33 0.03 5.73 5.99
CA GLN A 33 0.08 7.12 6.42
C GLN A 33 0.17 8.07 5.23
N SER A 34 1.08 7.77 4.31
CA SER A 34 1.27 8.60 3.13
C SER A 34 -0.05 8.83 2.42
N HIS A 35 -0.80 7.76 2.19
CA HIS A 35 -2.09 7.85 1.53
C HIS A 35 -3.04 8.78 2.28
N THR A 36 -3.14 8.58 3.59
CA THR A 36 -4.00 9.39 4.43
C THR A 36 -3.40 10.79 4.65
N GLY A 37 -3.82 11.73 3.82
CA GLY A 37 -3.31 13.09 3.93
C GLY A 37 -4.02 14.05 3.01
N GLU A 38 -3.33 15.11 2.61
CA GLU A 38 -3.91 16.12 1.73
C GLU A 38 -3.36 15.97 0.31
N ARG A 39 -3.19 14.73 -0.12
CA ARG A 39 -2.67 14.45 -1.46
C ARG A 39 -3.73 13.76 -2.32
N HIS A 40 -4.18 14.45 -3.37
CA HIS A 40 -5.18 13.91 -4.27
C HIS A 40 -6.45 13.54 -3.50
N SER A 41 -6.90 14.44 -2.63
CA SER A 41 -8.10 14.21 -1.84
C SER A 41 -8.99 15.44 -1.83
N GLY A 42 -10.26 15.24 -1.48
CA GLY A 42 -11.20 16.34 -1.44
C GLY A 42 -12.29 16.22 -2.49
N PRO A 43 -12.05 16.79 -3.67
CA PRO A 43 -13.00 16.76 -4.79
C PRO A 43 -13.15 15.37 -5.38
N SER A 44 -12.15 14.51 -5.14
CA SER A 44 -12.16 13.16 -5.65
C SER A 44 -12.46 12.15 -4.55
N SER A 45 -13.07 11.03 -4.91
CA SER A 45 -13.43 10.00 -3.95
C SER A 45 -12.33 9.85 -2.89
N GLY A 46 -12.74 9.56 -1.66
CA GLY A 46 -11.79 9.40 -0.58
C GLY A 46 -11.45 10.72 0.09
N GLY A 1 3.44 -15.19 -23.34
CA GLY A 1 3.74 -14.85 -21.97
C GLY A 1 5.19 -15.10 -21.61
N SER A 2 5.56 -16.38 -21.51
CA SER A 2 6.93 -16.76 -21.18
C SER A 2 7.46 -15.91 -20.02
N SER A 3 6.61 -15.69 -19.02
CA SER A 3 6.99 -14.89 -17.86
C SER A 3 6.72 -15.65 -16.56
N GLY A 4 7.23 -15.13 -15.46
CA GLY A 4 7.04 -15.77 -14.17
C GLY A 4 7.91 -15.15 -13.08
N SER A 5 7.45 -15.26 -11.84
CA SER A 5 8.18 -14.70 -10.71
C SER A 5 9.22 -15.69 -10.19
N SER A 6 10.46 -15.24 -10.11
CA SER A 6 11.56 -16.09 -9.64
C SER A 6 11.95 -15.71 -8.21
N GLY A 7 11.37 -16.42 -7.25
CA GLY A 7 11.67 -16.16 -5.85
C GLY A 7 10.66 -15.24 -5.20
N THR A 8 10.10 -15.68 -4.08
CA THR A 8 9.10 -14.88 -3.37
C THR A 8 9.34 -14.93 -1.86
N GLY A 9 8.62 -14.10 -1.13
CA GLY A 9 8.77 -14.06 0.32
C GLY A 9 7.44 -14.16 1.04
N GLU A 10 7.48 -14.11 2.37
CA GLU A 10 6.27 -14.19 3.17
C GLU A 10 5.75 -12.81 3.55
N LYS A 11 4.91 -12.24 2.69
CA LYS A 11 4.35 -10.92 2.92
C LYS A 11 2.82 -10.98 2.98
N PRO A 12 2.30 -11.38 4.14
CA PRO A 12 0.85 -11.48 4.35
C PRO A 12 0.16 -10.12 4.39
N TYR A 13 0.95 -9.06 4.17
CA TYR A 13 0.42 -7.70 4.18
C TYR A 13 0.54 -7.06 2.80
N LYS A 14 -0.57 -6.53 2.30
CA LYS A 14 -0.59 -5.88 1.00
C LYS A 14 -1.48 -4.65 1.02
N CYS A 15 -0.88 -3.49 0.81
CA CYS A 15 -1.62 -2.23 0.80
C CYS A 15 -2.79 -2.29 -0.18
N SER A 16 -3.95 -1.83 0.27
CA SER A 16 -5.14 -1.84 -0.56
C SER A 16 -5.48 -0.44 -1.04
N ASP A 17 -4.47 0.28 -1.52
CA ASP A 17 -4.66 1.64 -2.01
C ASP A 17 -4.00 1.83 -3.37
N CYS A 18 -2.71 1.51 -3.44
CA CYS A 18 -1.96 1.63 -4.68
C CYS A 18 -1.55 0.26 -5.22
N GLY A 19 -1.01 -0.58 -4.33
CA GLY A 19 -0.58 -1.90 -4.73
C GLY A 19 0.84 -2.21 -4.31
N LYS A 20 1.09 -2.15 -3.00
CA LYS A 20 2.41 -2.42 -2.46
C LYS A 20 2.35 -3.52 -1.41
N ALA A 21 3.37 -4.37 -1.39
CA ALA A 21 3.43 -5.47 -0.43
C ALA A 21 4.41 -5.16 0.69
N PHE A 22 4.24 -5.82 1.83
CA PHE A 22 5.11 -5.62 2.98
C PHE A 22 5.22 -6.89 3.82
N THR A 23 6.45 -7.26 4.15
CA THR A 23 6.70 -8.46 4.93
C THR A 23 6.47 -8.20 6.42
N ARG A 24 6.68 -6.96 6.84
CA ARG A 24 6.49 -6.59 8.23
C ARG A 24 5.17 -5.85 8.43
N LYS A 25 4.76 -5.69 9.68
CA LYS A 25 3.51 -5.02 9.99
C LYS A 25 3.67 -3.50 9.88
N SER A 26 4.77 -2.98 10.42
CA SER A 26 5.05 -1.55 10.38
C SER A 26 5.17 -1.06 8.94
N GLY A 27 5.87 -1.83 8.11
CA GLY A 27 6.05 -1.46 6.73
C GLY A 27 4.77 -0.95 6.09
N LEU A 28 3.68 -1.66 6.35
CA LEU A 28 2.38 -1.28 5.79
C LEU A 28 1.76 -0.14 6.59
N HIS A 29 1.86 -0.22 7.91
CA HIS A 29 1.31 0.81 8.79
C HIS A 29 1.81 2.19 8.38
N ILE A 30 3.14 2.32 8.29
CA ILE A 30 3.76 3.59 7.92
C ILE A 30 3.38 3.98 6.49
N HIS A 31 3.51 3.04 5.57
CA HIS A 31 3.18 3.28 4.17
C HIS A 31 1.76 3.81 4.03
N GLN A 32 0.83 3.22 4.76
CA GLN A 32 -0.57 3.64 4.72
C GLN A 32 -0.69 5.13 4.97
N GLN A 33 -0.08 5.60 6.06
CA GLN A 33 -0.13 7.02 6.40
C GLN A 33 0.09 7.89 5.18
N SER A 34 1.02 7.49 4.32
CA SER A 34 1.33 8.23 3.11
C SER A 34 0.05 8.60 2.36
N HIS A 35 -0.88 7.66 2.31
CA HIS A 35 -2.15 7.89 1.63
C HIS A 35 -3.10 8.72 2.48
N THR A 36 -2.72 9.98 2.71
CA THR A 36 -3.54 10.88 3.52
C THR A 36 -3.74 12.21 2.81
N GLY A 37 -4.00 12.15 1.51
CA GLY A 37 -4.21 13.36 0.73
C GLY A 37 -3.09 13.64 -0.24
N GLU A 38 -3.14 12.99 -1.40
CA GLU A 38 -2.11 13.17 -2.41
C GLU A 38 -2.15 14.57 -2.99
N ARG A 39 -1.51 15.52 -2.30
CA ARG A 39 -1.48 16.91 -2.74
C ARG A 39 -2.90 17.47 -2.84
N HIS A 40 -3.74 17.13 -1.87
CA HIS A 40 -5.12 17.60 -1.86
C HIS A 40 -5.45 18.25 -0.52
N SER A 41 -6.16 19.37 -0.56
CA SER A 41 -6.55 20.08 0.65
C SER A 41 -7.65 21.09 0.36
N GLY A 42 -8.26 21.62 1.42
CA GLY A 42 -9.32 22.59 1.26
C GLY A 42 -8.81 24.02 1.28
N PRO A 43 -8.59 24.57 2.48
CA PRO A 43 -8.10 25.93 2.66
C PRO A 43 -6.65 26.08 2.21
N SER A 44 -6.17 27.33 2.18
CA SER A 44 -4.80 27.61 1.77
C SER A 44 -4.56 27.17 0.33
N SER A 45 -5.53 27.46 -0.54
CA SER A 45 -5.42 27.09 -1.94
C SER A 45 -5.11 28.31 -2.80
N GLY A 46 -3.97 28.28 -3.47
CA GLY A 46 -3.57 29.39 -4.32
C GLY A 46 -2.46 29.02 -5.28
N GLY A 1 0.84 -2.69 -9.76
CA GLY A 1 -0.28 -3.26 -10.48
C GLY A 1 -0.36 -4.76 -10.32
N SER A 2 -0.96 -5.44 -11.30
CA SER A 2 -1.11 -6.88 -11.27
C SER A 2 -0.60 -7.52 -12.56
N SER A 3 0.53 -7.02 -13.05
CA SER A 3 1.12 -7.54 -14.28
C SER A 3 2.32 -8.44 -13.97
N GLY A 4 2.17 -9.28 -12.96
CA GLY A 4 3.24 -10.19 -12.58
C GLY A 4 3.32 -10.39 -11.08
N SER A 5 4.43 -9.98 -10.48
CA SER A 5 4.62 -10.13 -9.04
C SER A 5 4.00 -11.43 -8.54
N SER A 6 4.17 -12.49 -9.31
CA SER A 6 3.61 -13.80 -8.95
C SER A 6 4.73 -14.82 -8.75
N GLY A 7 5.30 -14.82 -7.55
CA GLY A 7 6.36 -15.75 -7.23
C GLY A 7 6.30 -16.26 -5.81
N THR A 8 6.63 -17.53 -5.61
CA THR A 8 6.60 -18.13 -4.28
C THR A 8 7.12 -17.17 -3.23
N GLY A 9 6.20 -16.54 -2.50
CA GLY A 9 6.58 -15.59 -1.47
C GLY A 9 5.63 -14.42 -1.38
N GLU A 10 4.33 -14.70 -1.37
CA GLU A 10 3.32 -13.66 -1.28
C GLU A 10 3.23 -13.10 0.14
N LYS A 11 3.91 -11.99 0.37
CA LYS A 11 3.91 -11.35 1.68
C LYS A 11 2.49 -11.30 2.25
N PRO A 12 2.38 -11.46 3.58
CA PRO A 12 1.09 -11.43 4.27
C PRO A 12 0.49 -10.03 4.31
N TYR A 13 1.33 -9.02 4.45
CA TYR A 13 0.88 -7.64 4.50
C TYR A 13 0.90 -7.01 3.10
N LYS A 14 0.07 -6.00 2.90
CA LYS A 14 -0.01 -5.31 1.62
C LYS A 14 -0.95 -4.11 1.70
N CYS A 15 -0.59 -3.05 1.00
CA CYS A 15 -1.41 -1.83 0.99
C CYS A 15 -2.70 -2.05 0.21
N SER A 16 -3.81 -1.56 0.76
CA SER A 16 -5.11 -1.71 0.12
C SER A 16 -5.57 -0.38 -0.46
N ASP A 17 -4.63 0.39 -1.01
CA ASP A 17 -4.95 1.68 -1.60
C ASP A 17 -4.28 1.84 -2.96
N CYS A 18 -3.01 1.45 -3.03
CA CYS A 18 -2.24 1.56 -4.27
C CYS A 18 -1.78 0.18 -4.74
N GLY A 19 -1.22 -0.60 -3.82
CA GLY A 19 -0.75 -1.94 -4.15
C GLY A 19 0.72 -2.12 -3.83
N LYS A 20 1.03 -2.27 -2.55
CA LYS A 20 2.41 -2.46 -2.11
C LYS A 20 2.49 -3.53 -1.03
N ALA A 21 3.11 -4.65 -1.35
CA ALA A 21 3.26 -5.75 -0.41
C ALA A 21 4.37 -5.45 0.61
N PHE A 22 4.14 -5.85 1.86
CA PHE A 22 5.12 -5.62 2.91
C PHE A 22 5.42 -6.92 3.67
N THR A 23 6.67 -7.11 4.03
CA THR A 23 7.08 -8.30 4.76
C THR A 23 6.55 -8.30 6.18
N ARG A 24 6.51 -7.12 6.79
CA ARG A 24 6.03 -6.98 8.16
C ARG A 24 4.87 -5.99 8.22
N LYS A 25 4.08 -6.05 9.29
CA LYS A 25 2.95 -5.17 9.47
C LYS A 25 3.38 -3.70 9.36
N SER A 26 4.30 -3.30 10.23
CA SER A 26 4.79 -1.92 10.24
C SER A 26 5.00 -1.42 8.80
N GLY A 27 5.91 -2.08 8.08
CA GLY A 27 6.19 -1.68 6.71
C GLY A 27 4.95 -1.18 5.98
N LEU A 28 3.80 -1.77 6.31
CA LEU A 28 2.55 -1.39 5.68
C LEU A 28 1.90 -0.23 6.43
N HIS A 29 1.93 -0.30 7.76
CA HIS A 29 1.35 0.75 8.59
C HIS A 29 1.87 2.12 8.18
N ILE A 30 3.17 2.34 8.37
CA ILE A 30 3.78 3.61 8.02
C ILE A 30 3.35 4.07 6.63
N HIS A 31 3.39 3.15 5.68
CA HIS A 31 3.00 3.45 4.31
C HIS A 31 1.58 4.00 4.24
N GLN A 32 0.66 3.32 4.90
CA GLN A 32 -0.73 3.74 4.93
C GLN A 32 -0.85 5.21 5.28
N GLN A 33 0.18 5.74 5.94
CA GLN A 33 0.20 7.14 6.35
C GLN A 33 0.76 8.03 5.23
N SER A 34 0.38 7.72 3.99
CA SER A 34 0.85 8.49 2.84
C SER A 34 -0.32 8.90 1.95
N HIS A 35 -1.33 8.03 1.85
CA HIS A 35 -2.51 8.31 1.04
C HIS A 35 -3.57 9.05 1.85
N THR A 36 -3.12 10.01 2.65
CA THR A 36 -4.03 10.79 3.49
C THR A 36 -3.50 12.20 3.72
N GLY A 37 -4.40 13.16 3.86
CA GLY A 37 -3.99 14.53 4.09
C GLY A 37 -4.71 15.16 5.26
N GLU A 38 -4.39 16.42 5.55
CA GLU A 38 -5.00 17.13 6.67
C GLU A 38 -6.25 17.88 6.21
N ARG A 39 -7.42 17.36 6.58
CA ARG A 39 -8.68 17.99 6.22
C ARG A 39 -8.72 19.45 6.66
N HIS A 40 -9.33 20.29 5.83
CA HIS A 40 -9.44 21.72 6.13
C HIS A 40 -10.72 22.01 6.89
N SER A 41 -11.03 21.17 7.88
CA SER A 41 -12.23 21.35 8.69
C SER A 41 -11.87 21.68 10.13
N GLY A 42 -11.63 22.96 10.39
CA GLY A 42 -11.28 23.39 11.72
C GLY A 42 -9.88 22.98 12.12
N PRO A 43 -8.88 23.45 11.36
CA PRO A 43 -7.47 23.13 11.62
C PRO A 43 -6.95 23.81 12.89
N SER A 44 -5.68 23.57 13.19
CA SER A 44 -5.07 24.14 14.39
C SER A 44 -5.03 25.67 14.30
N SER A 45 -5.16 26.32 15.44
CA SER A 45 -5.16 27.78 15.49
C SER A 45 -3.76 28.32 15.24
N GLY A 46 -2.79 27.81 15.99
CA GLY A 46 -1.41 28.25 15.82
C GLY A 46 -0.79 27.76 14.53
N GLY A 1 -4.45 2.27 -11.80
CA GLY A 1 -5.12 1.58 -10.71
C GLY A 1 -4.61 0.16 -10.54
N SER A 2 -4.60 -0.61 -11.62
CA SER A 2 -4.13 -1.99 -11.56
C SER A 2 -2.67 -2.09 -11.98
N SER A 3 -2.32 -1.38 -13.05
CA SER A 3 -0.95 -1.39 -13.56
C SER A 3 0.05 -1.45 -12.42
N GLY A 4 1.17 -2.12 -12.65
CA GLY A 4 2.19 -2.24 -11.64
C GLY A 4 3.07 -3.46 -11.83
N SER A 5 4.38 -3.27 -11.78
CA SER A 5 5.33 -4.36 -11.96
C SER A 5 6.25 -4.49 -10.74
N SER A 6 5.67 -4.36 -9.55
CA SER A 6 6.44 -4.46 -8.31
C SER A 6 5.98 -5.65 -7.49
N GLY A 7 6.48 -6.84 -7.84
CA GLY A 7 6.10 -8.04 -7.11
C GLY A 7 7.20 -9.09 -7.14
N THR A 8 8.23 -8.88 -6.31
CA THR A 8 9.35 -9.82 -6.24
C THR A 8 9.02 -10.99 -5.32
N GLY A 9 7.79 -11.48 -5.39
CA GLY A 9 7.38 -12.59 -4.56
C GLY A 9 6.04 -12.35 -3.87
N GLU A 10 5.66 -13.26 -2.99
CA GLU A 10 4.39 -13.13 -2.26
C GLU A 10 4.63 -12.63 -0.84
N LYS A 11 3.75 -11.76 -0.37
CA LYS A 11 3.86 -11.20 0.96
C LYS A 11 2.55 -11.34 1.73
N PRO A 12 2.65 -11.59 3.04
CA PRO A 12 1.48 -11.74 3.91
C PRO A 12 0.72 -10.44 4.12
N TYR A 13 1.42 -9.31 3.91
CA TYR A 13 0.82 -8.00 4.08
C TYR A 13 0.81 -7.24 2.76
N LYS A 14 -0.21 -6.41 2.56
CA LYS A 14 -0.33 -5.62 1.35
C LYS A 14 -1.38 -4.52 1.51
N CYS A 15 -1.03 -3.31 1.07
CA CYS A 15 -1.93 -2.18 1.18
C CYS A 15 -3.15 -2.36 0.27
N SER A 16 -4.33 -2.12 0.82
CA SER A 16 -5.57 -2.26 0.06
C SER A 16 -6.00 -0.92 -0.52
N ASP A 17 -5.03 -0.13 -0.95
CA ASP A 17 -5.31 1.19 -1.53
C ASP A 17 -4.64 1.33 -2.89
N CYS A 18 -3.36 0.99 -2.96
CA CYS A 18 -2.61 1.08 -4.20
C CYS A 18 -2.20 -0.30 -4.70
N GLY A 19 -1.65 -1.10 -3.79
CA GLY A 19 -1.22 -2.44 -4.15
C GLY A 19 0.25 -2.68 -3.87
N LYS A 20 0.67 -2.38 -2.63
CA LYS A 20 2.05 -2.57 -2.24
C LYS A 20 2.18 -3.63 -1.16
N ALA A 21 2.93 -4.69 -1.44
CA ALA A 21 3.13 -5.77 -0.49
C ALA A 21 4.31 -5.49 0.43
N PHE A 22 4.12 -5.74 1.72
CA PHE A 22 5.17 -5.52 2.70
C PHE A 22 5.54 -6.81 3.42
N THR A 23 6.71 -6.82 4.05
CA THR A 23 7.18 -8.00 4.77
C THR A 23 6.77 -7.94 6.24
N ARG A 24 6.93 -6.76 6.84
CA ARG A 24 6.57 -6.57 8.25
C ARG A 24 5.31 -5.72 8.38
N LYS A 25 4.62 -5.87 9.51
CA LYS A 25 3.40 -5.12 9.75
C LYS A 25 3.66 -3.61 9.68
N SER A 26 4.63 -3.15 10.46
CA SER A 26 4.98 -1.74 10.48
C SER A 26 5.07 -1.18 9.06
N GLY A 27 5.82 -1.87 8.20
CA GLY A 27 5.98 -1.42 6.84
C GLY A 27 4.69 -0.91 6.24
N LEU A 28 3.61 -1.68 6.42
CA LEU A 28 2.31 -1.29 5.89
C LEU A 28 1.69 -0.18 6.74
N HIS A 29 1.75 -0.33 8.05
CA HIS A 29 1.20 0.66 8.97
C HIS A 29 1.70 2.06 8.62
N ILE A 30 3.00 2.17 8.39
CA ILE A 30 3.60 3.46 8.06
C ILE A 30 3.16 3.93 6.67
N HIS A 31 3.51 3.16 5.65
CA HIS A 31 3.15 3.49 4.28
C HIS A 31 1.74 4.07 4.22
N GLN A 32 0.81 3.44 4.95
CA GLN A 32 -0.58 3.90 4.98
C GLN A 32 -0.65 5.42 5.09
N GLN A 33 0.15 5.98 5.99
CA GLN A 33 0.18 7.42 6.20
C GLN A 33 0.28 8.17 4.88
N SER A 34 1.07 7.60 3.95
CA SER A 34 1.26 8.22 2.65
C SER A 34 -0.09 8.57 2.00
N HIS A 35 -1.08 7.71 2.22
CA HIS A 35 -2.41 7.93 1.67
C HIS A 35 -3.16 9.00 2.46
N THR A 36 -2.62 10.21 2.48
CA THR A 36 -3.23 11.31 3.20
C THR A 36 -3.29 12.57 2.34
N GLY A 37 -4.31 12.65 1.49
CA GLY A 37 -4.46 13.80 0.62
C GLY A 37 -3.59 13.72 -0.62
N GLU A 38 -4.20 13.37 -1.75
CA GLU A 38 -3.46 13.25 -2.99
C GLU A 38 -3.76 14.44 -3.91
N ARG A 39 -2.75 14.87 -4.65
CA ARG A 39 -2.90 16.00 -5.57
C ARG A 39 -3.46 17.22 -4.85
N HIS A 40 -2.96 17.46 -3.64
CA HIS A 40 -3.42 18.59 -2.83
C HIS A 40 -2.26 19.54 -2.54
N SER A 41 -1.42 19.78 -3.55
CA SER A 41 -0.28 20.67 -3.41
C SER A 41 -0.71 22.13 -3.45
N GLY A 42 -0.56 22.83 -2.33
CA GLY A 42 -0.94 24.23 -2.26
C GLY A 42 0.01 25.04 -1.41
N PRO A 43 -0.47 26.20 -0.93
CA PRO A 43 0.33 27.10 -0.08
C PRO A 43 0.59 26.51 1.30
N SER A 44 1.47 27.17 2.06
CA SER A 44 1.81 26.70 3.39
C SER A 44 0.58 26.68 4.29
N SER A 45 0.33 25.53 4.90
CA SER A 45 -0.82 25.37 5.79
C SER A 45 -0.43 24.60 7.05
N GLY A 46 -0.53 25.27 8.19
CA GLY A 46 -0.18 24.64 9.46
C GLY A 46 -0.42 25.55 10.65
N GLY A 1 17.66 -2.45 2.01
CA GLY A 1 17.65 -3.56 1.08
C GLY A 1 16.72 -3.33 -0.08
N SER A 2 17.19 -3.62 -1.29
CA SER A 2 16.40 -3.44 -2.50
C SER A 2 15.55 -4.68 -2.77
N SER A 3 14.56 -4.53 -3.65
CA SER A 3 13.68 -5.63 -3.99
C SER A 3 14.16 -6.35 -5.26
N GLY A 4 14.52 -7.61 -5.11
CA GLY A 4 15.00 -8.39 -6.23
C GLY A 4 15.17 -9.86 -5.90
N SER A 5 14.07 -10.52 -5.56
CA SER A 5 14.10 -11.93 -5.20
C SER A 5 12.79 -12.62 -5.62
N SER A 6 12.90 -13.86 -6.07
CA SER A 6 11.73 -14.62 -6.49
C SER A 6 11.37 -15.69 -5.46
N GLY A 7 12.40 -16.27 -4.84
CA GLY A 7 12.18 -17.30 -3.85
C GLY A 7 11.82 -16.73 -2.49
N THR A 8 10.82 -15.85 -2.47
CA THR A 8 10.38 -15.22 -1.23
C THR A 8 8.91 -15.51 -0.95
N GLY A 9 8.14 -15.75 -2.02
CA GLY A 9 6.73 -16.04 -1.87
C GLY A 9 5.89 -14.78 -1.78
N GLU A 10 4.59 -14.96 -1.58
CA GLU A 10 3.67 -13.83 -1.48
C GLU A 10 3.75 -13.18 -0.11
N LYS A 11 3.78 -11.86 -0.09
CA LYS A 11 3.86 -11.10 1.16
C LYS A 11 2.60 -11.31 2.00
N PRO A 12 2.77 -11.31 3.33
CA PRO A 12 1.65 -11.49 4.26
C PRO A 12 0.72 -10.29 4.29
N TYR A 13 1.25 -9.13 3.95
CA TYR A 13 0.46 -7.90 3.93
C TYR A 13 0.46 -7.27 2.54
N LYS A 14 -0.48 -6.35 2.31
CA LYS A 14 -0.58 -5.66 1.03
C LYS A 14 -1.54 -4.49 1.12
N CYS A 15 -1.14 -3.35 0.56
CA CYS A 15 -1.97 -2.16 0.56
C CYS A 15 -3.00 -2.20 -0.55
N SER A 16 -4.28 -2.18 -0.16
CA SER A 16 -5.36 -2.22 -1.14
C SER A 16 -5.71 -0.81 -1.63
N ASP A 17 -4.68 -0.02 -1.89
CA ASP A 17 -4.87 1.34 -2.37
C ASP A 17 -4.11 1.58 -3.67
N CYS A 18 -2.82 1.26 -3.66
CA CYS A 18 -1.99 1.42 -4.85
C CYS A 18 -1.36 0.10 -5.26
N GLY A 19 -0.80 -0.61 -4.29
CA GLY A 19 -0.16 -1.89 -4.58
C GLY A 19 1.17 -2.04 -3.88
N LYS A 20 1.23 -1.68 -2.61
CA LYS A 20 2.46 -1.77 -1.84
C LYS A 20 2.40 -2.96 -0.89
N ALA A 21 3.31 -3.92 -1.08
CA ALA A 21 3.36 -5.11 -0.24
C ALA A 21 4.44 -4.97 0.83
N PHE A 22 4.32 -5.75 1.89
CA PHE A 22 5.28 -5.72 2.99
C PHE A 22 5.35 -7.06 3.71
N THR A 23 6.42 -7.28 4.44
CA THR A 23 6.61 -8.53 5.17
C THR A 23 6.24 -8.37 6.64
N ARG A 24 6.25 -7.13 7.11
CA ARG A 24 5.91 -6.84 8.50
C ARG A 24 4.78 -5.82 8.58
N LYS A 25 4.11 -5.76 9.73
CA LYS A 25 3.02 -4.82 9.93
C LYS A 25 3.50 -3.38 9.75
N SER A 26 4.52 -3.01 10.50
CA SER A 26 5.08 -1.66 10.42
C SER A 26 5.28 -1.24 8.97
N GLY A 27 6.03 -2.05 8.23
CA GLY A 27 6.29 -1.75 6.83
C GLY A 27 5.06 -1.28 6.10
N LEU A 28 3.89 -1.71 6.58
CA LEU A 28 2.62 -1.33 5.96
C LEU A 28 2.02 -0.11 6.66
N HIS A 29 2.02 -0.14 7.98
CA HIS A 29 1.47 0.98 8.76
C HIS A 29 2.03 2.31 8.27
N ILE A 30 3.35 2.38 8.14
CA ILE A 30 4.00 3.60 7.69
C ILE A 30 3.51 4.01 6.30
N HIS A 31 3.31 3.02 5.44
CA HIS A 31 2.83 3.27 4.08
C HIS A 31 1.39 3.76 4.10
N GLN A 32 0.60 3.24 5.03
CA GLN A 32 -0.81 3.63 5.15
C GLN A 32 -0.94 5.12 5.43
N GLN A 33 0.10 5.69 6.03
CA GLN A 33 0.09 7.12 6.35
C GLN A 33 0.55 7.95 5.16
N SER A 34 0.61 7.31 3.99
CA SER A 34 1.03 7.99 2.78
C SER A 34 -0.17 8.45 1.97
N HIS A 35 -1.23 7.65 1.99
CA HIS A 35 -2.45 7.99 1.25
C HIS A 35 -3.39 8.84 2.10
N THR A 36 -2.91 10.02 2.49
CA THR A 36 -3.69 10.94 3.30
C THR A 36 -3.34 12.39 3.00
N GLY A 37 -4.27 13.09 2.34
CA GLY A 37 -4.04 14.48 2.00
C GLY A 37 -4.48 15.42 3.10
N GLU A 38 -3.52 16.08 3.73
CA GLU A 38 -3.81 17.02 4.82
C GLU A 38 -3.44 18.44 4.42
N ARG A 39 -3.99 19.42 5.14
CA ARG A 39 -3.70 20.82 4.86
C ARG A 39 -2.25 21.01 4.45
N HIS A 40 -2.03 21.51 3.24
CA HIS A 40 -0.69 21.75 2.73
C HIS A 40 -0.21 23.15 3.09
N SER A 41 -0.35 23.51 4.37
CA SER A 41 0.07 24.82 4.84
C SER A 41 -0.25 25.90 3.80
N GLY A 42 -1.42 25.79 3.19
CA GLY A 42 -1.82 26.76 2.18
C GLY A 42 -3.30 27.10 2.26
N PRO A 43 -3.75 27.55 3.44
CA PRO A 43 -5.15 27.92 3.67
C PRO A 43 -5.54 29.18 2.92
N SER A 44 -6.35 29.01 1.87
CA SER A 44 -6.80 30.13 1.07
C SER A 44 -8.10 30.71 1.62
N SER A 45 -8.62 30.08 2.66
CA SER A 45 -9.86 30.53 3.29
C SER A 45 -9.60 31.07 4.68
N GLY A 46 -9.32 30.16 5.63
CA GLY A 46 -9.06 30.56 7.00
C GLY A 46 -7.58 30.82 7.24
N GLY A 1 20.30 -12.65 -21.17
CA GLY A 1 19.47 -12.99 -20.03
C GLY A 1 20.22 -12.91 -18.72
N SER A 2 19.47 -12.93 -17.61
CA SER A 2 20.08 -12.85 -16.29
C SER A 2 19.82 -14.13 -15.50
N SER A 3 20.44 -14.23 -14.32
CA SER A 3 20.28 -15.41 -13.48
C SER A 3 19.54 -15.04 -12.20
N GLY A 4 19.16 -16.07 -11.44
CA GLY A 4 18.44 -15.85 -10.19
C GLY A 4 16.93 -15.92 -10.37
N SER A 5 16.41 -17.14 -10.39
CA SER A 5 14.97 -17.35 -10.56
C SER A 5 14.23 -17.15 -9.24
N SER A 6 13.51 -16.04 -9.14
CA SER A 6 12.77 -15.73 -7.93
C SER A 6 11.26 -15.76 -8.19
N GLY A 7 10.64 -16.87 -7.83
CA GLY A 7 9.20 -17.02 -8.04
C GLY A 7 8.46 -17.35 -6.76
N THR A 8 8.79 -16.64 -5.69
CA THR A 8 8.15 -16.87 -4.40
C THR A 8 7.97 -15.56 -3.63
N GLY A 9 6.80 -15.39 -3.02
CA GLY A 9 6.52 -14.19 -2.28
C GLY A 9 5.39 -14.37 -1.27
N GLU A 10 4.17 -14.50 -1.78
CA GLU A 10 3.01 -14.69 -0.94
C GLU A 10 3.12 -13.84 0.33
N LYS A 11 3.54 -12.60 0.16
CA LYS A 11 3.69 -11.68 1.28
C LYS A 11 2.49 -11.76 2.22
N PRO A 12 2.76 -11.63 3.54
CA PRO A 12 1.71 -11.69 4.56
C PRO A 12 0.79 -10.48 4.52
N TYR A 13 1.37 -9.31 4.31
CA TYR A 13 0.60 -8.07 4.25
C TYR A 13 0.49 -7.57 2.81
N LYS A 14 -0.41 -6.61 2.59
CA LYS A 14 -0.62 -6.04 1.27
C LYS A 14 -1.51 -4.80 1.34
N CYS A 15 -1.03 -3.69 0.79
CA CYS A 15 -1.77 -2.45 0.80
C CYS A 15 -2.94 -2.51 -0.18
N SER A 16 -4.16 -2.67 0.35
CA SER A 16 -5.35 -2.76 -0.48
C SER A 16 -5.83 -1.37 -0.89
N ASP A 17 -4.89 -0.52 -1.30
CA ASP A 17 -5.22 0.83 -1.72
C ASP A 17 -4.60 1.15 -3.07
N CYS A 18 -3.29 0.91 -3.20
CA CYS A 18 -2.58 1.16 -4.44
C CYS A 18 -2.04 -0.14 -5.03
N GLY A 19 -1.47 -0.98 -4.18
CA GLY A 19 -0.92 -2.24 -4.63
C GLY A 19 0.54 -2.41 -4.26
N LYS A 20 0.81 -2.44 -2.96
CA LYS A 20 2.18 -2.60 -2.47
C LYS A 20 2.23 -3.60 -1.33
N ALA A 21 3.05 -4.65 -1.49
CA ALA A 21 3.20 -5.67 -0.48
C ALA A 21 4.38 -5.38 0.43
N PHE A 22 4.33 -5.91 1.65
CA PHE A 22 5.40 -5.70 2.62
C PHE A 22 5.73 -7.01 3.35
N THR A 23 6.81 -6.98 4.14
CA THR A 23 7.24 -8.16 4.88
C THR A 23 6.80 -8.07 6.33
N ARG A 24 6.89 -6.88 6.91
CA ARG A 24 6.50 -6.66 8.30
C ARG A 24 5.17 -5.91 8.38
N LYS A 25 4.63 -5.81 9.59
CA LYS A 25 3.36 -5.12 9.81
C LYS A 25 3.54 -3.62 9.73
N SER A 26 4.48 -3.09 10.51
CA SER A 26 4.75 -1.65 10.52
C SER A 26 5.01 -1.14 9.11
N GLY A 27 5.84 -1.85 8.36
CA GLY A 27 6.15 -1.45 7.00
C GLY A 27 4.94 -0.96 6.25
N LEU A 28 3.81 -1.65 6.43
CA LEU A 28 2.58 -1.27 5.75
C LEU A 28 1.88 -0.14 6.49
N HIS A 29 1.80 -0.25 7.81
CA HIS A 29 1.17 0.77 8.63
C HIS A 29 1.69 2.16 8.28
N ILE A 30 3.01 2.28 8.23
CA ILE A 30 3.64 3.56 7.90
C ILE A 30 3.31 3.99 6.47
N HIS A 31 3.45 3.05 5.54
CA HIS A 31 3.16 3.33 4.14
C HIS A 31 1.77 3.93 3.98
N GLN A 32 0.83 3.48 4.80
CA GLN A 32 -0.54 3.97 4.75
C GLN A 32 -0.60 5.47 5.02
N GLN A 33 0.06 5.90 6.09
CA GLN A 33 0.09 7.31 6.45
C GLN A 33 0.10 8.19 5.20
N SER A 34 1.07 7.95 4.33
CA SER A 34 1.20 8.72 3.10
C SER A 34 -0.15 8.90 2.41
N HIS A 35 -0.84 7.77 2.20
CA HIS A 35 -2.15 7.79 1.55
C HIS A 35 -3.07 8.81 2.22
N THR A 36 -2.89 9.00 3.52
CA THR A 36 -3.71 9.94 4.28
C THR A 36 -3.08 11.33 4.28
N GLY A 37 -3.40 12.10 3.23
CA GLY A 37 -2.87 13.45 3.13
C GLY A 37 -3.20 14.10 1.80
N GLU A 38 -2.23 14.13 0.89
CA GLU A 38 -2.43 14.73 -0.42
C GLU A 38 -2.16 13.70 -1.53
N ARG A 39 -0.95 13.19 -1.57
CA ARG A 39 -0.57 12.20 -2.59
C ARG A 39 -1.20 10.85 -2.30
N HIS A 40 -2.46 10.70 -2.72
CA HIS A 40 -3.19 9.45 -2.51
C HIS A 40 -3.81 8.96 -3.80
N SER A 41 -3.06 9.05 -4.89
CA SER A 41 -3.56 8.63 -6.19
C SER A 41 -2.40 8.39 -7.17
N GLY A 42 -2.68 7.70 -8.26
CA GLY A 42 -1.64 7.41 -9.24
C GLY A 42 -2.22 7.09 -10.61
N PRO A 43 -2.40 5.78 -10.89
CA PRO A 43 -2.94 5.32 -12.17
C PRO A 43 -4.42 5.64 -12.31
N SER A 44 -4.88 5.75 -13.56
CA SER A 44 -6.27 6.06 -13.84
C SER A 44 -7.01 4.83 -14.36
N SER A 45 -8.34 4.89 -14.34
CA SER A 45 -9.16 3.78 -14.80
C SER A 45 -9.28 3.80 -16.33
N GLY A 46 -9.25 2.61 -16.92
CA GLY A 46 -9.36 2.51 -18.37
C GLY A 46 -10.79 2.61 -18.85
N GLY A 1 -5.75 -26.87 -20.61
CA GLY A 1 -5.35 -26.00 -19.52
C GLY A 1 -4.16 -26.52 -18.75
N SER A 2 -2.97 -26.41 -19.35
CA SER A 2 -1.75 -26.89 -18.72
C SER A 2 -1.22 -25.85 -17.74
N SER A 3 -2.11 -25.27 -16.94
CA SER A 3 -1.72 -24.26 -15.96
C SER A 3 -1.76 -24.83 -14.55
N GLY A 4 -0.59 -25.01 -13.96
CA GLY A 4 -0.50 -25.55 -12.61
C GLY A 4 0.86 -25.31 -11.98
N SER A 5 1.12 -24.07 -11.58
CA SER A 5 2.38 -23.72 -10.95
C SER A 5 2.17 -23.21 -9.53
N SER A 6 2.72 -23.93 -8.56
CA SER A 6 2.58 -23.56 -7.15
C SER A 6 3.55 -22.43 -6.79
N GLY A 7 3.01 -21.36 -6.23
CA GLY A 7 3.83 -20.22 -5.85
C GLY A 7 3.54 -19.74 -4.45
N THR A 8 4.13 -20.40 -3.46
CA THR A 8 3.92 -20.03 -2.06
C THR A 8 4.89 -18.93 -1.64
N GLY A 9 5.07 -17.94 -2.50
CA GLY A 9 5.97 -16.85 -2.20
C GLY A 9 5.29 -15.49 -2.29
N GLU A 10 4.42 -15.20 -1.33
CA GLU A 10 3.70 -13.92 -1.32
C GLU A 10 3.77 -13.28 0.06
N LYS A 11 3.87 -11.95 0.08
CA LYS A 11 3.95 -11.21 1.33
C LYS A 11 2.68 -11.41 2.17
N PRO A 12 2.83 -11.35 3.50
CA PRO A 12 1.71 -11.53 4.43
C PRO A 12 0.74 -10.36 4.39
N TYR A 13 1.24 -9.19 3.99
CA TYR A 13 0.40 -8.00 3.91
C TYR A 13 0.36 -7.45 2.49
N LYS A 14 -0.48 -6.46 2.26
CA LYS A 14 -0.61 -5.85 0.94
C LYS A 14 -1.51 -4.62 0.99
N CYS A 15 -1.01 -3.50 0.47
CA CYS A 15 -1.76 -2.26 0.46
C CYS A 15 -2.68 -2.18 -0.77
N SER A 16 -3.97 -1.99 -0.53
CA SER A 16 -4.94 -1.90 -1.61
C SER A 16 -5.04 -0.47 -2.13
N ASP A 17 -4.85 0.49 -1.23
CA ASP A 17 -4.93 1.90 -1.60
C ASP A 17 -4.23 2.15 -2.93
N CYS A 18 -2.94 1.81 -3.00
CA CYS A 18 -2.16 1.99 -4.21
C CYS A 18 -1.81 0.64 -4.85
N GLY A 19 -1.47 -0.33 -4.01
CA GLY A 19 -1.12 -1.65 -4.51
C GLY A 19 0.32 -2.02 -4.21
N LYS A 20 0.63 -2.15 -2.93
CA LYS A 20 1.98 -2.51 -2.51
C LYS A 20 1.96 -3.74 -1.60
N ALA A 21 3.15 -4.21 -1.22
CA ALA A 21 3.27 -5.37 -0.35
C ALA A 21 4.37 -5.17 0.68
N PHE A 22 4.25 -5.84 1.81
CA PHE A 22 5.24 -5.74 2.88
C PHE A 22 5.37 -7.07 3.63
N THR A 23 6.47 -7.23 4.36
CA THR A 23 6.72 -8.44 5.12
C THR A 23 6.40 -8.24 6.60
N ARG A 24 6.54 -7.00 7.06
CA ARG A 24 6.28 -6.66 8.45
C ARG A 24 5.10 -5.70 8.57
N LYS A 25 4.51 -5.64 9.76
CA LYS A 25 3.38 -4.75 10.01
C LYS A 25 3.75 -3.30 9.74
N SER A 26 4.70 -2.79 10.51
CA SER A 26 5.15 -1.41 10.37
C SER A 26 5.19 -1.01 8.90
N GLY A 27 5.95 -1.75 8.11
CA GLY A 27 6.07 -1.46 6.70
C GLY A 27 4.75 -1.00 6.09
N LEU A 28 3.67 -1.65 6.47
CA LEU A 28 2.35 -1.30 5.96
C LEU A 28 1.74 -0.14 6.75
N HIS A 29 1.88 -0.22 8.07
CA HIS A 29 1.36 0.83 8.95
C HIS A 29 1.85 2.20 8.51
N ILE A 30 3.17 2.37 8.46
CA ILE A 30 3.77 3.64 8.06
C ILE A 30 3.35 4.01 6.64
N HIS A 31 3.47 3.06 5.72
CA HIS A 31 3.11 3.30 4.33
C HIS A 31 1.70 3.86 4.22
N GLN A 32 0.73 3.11 4.73
CA GLN A 32 -0.66 3.54 4.69
C GLN A 32 -0.79 5.01 5.06
N GLN A 33 0.13 5.49 5.90
CA GLN A 33 0.12 6.88 6.34
C GLN A 33 0.80 7.78 5.31
N SER A 34 0.56 7.50 4.03
CA SER A 34 1.15 8.29 2.96
C SER A 34 0.09 8.77 1.98
N HIS A 35 -0.94 7.95 1.79
CA HIS A 35 -2.02 8.29 0.88
C HIS A 35 -3.04 9.21 1.55
N THR A 36 -2.52 10.24 2.24
CA THR A 36 -3.37 11.20 2.92
C THR A 36 -4.48 11.71 2.01
N GLY A 37 -4.10 12.12 0.81
CA GLY A 37 -5.07 12.63 -0.15
C GLY A 37 -6.24 11.70 -0.32
N GLU A 38 -7.45 12.25 -0.28
CA GLU A 38 -8.66 11.45 -0.44
C GLU A 38 -9.48 11.94 -1.64
N ARG A 39 -10.22 11.02 -2.25
CA ARG A 39 -11.05 11.35 -3.41
C ARG A 39 -12.38 11.95 -2.97
N HIS A 40 -13.15 11.18 -2.21
CA HIS A 40 -14.45 11.63 -1.72
C HIS A 40 -14.29 12.49 -0.47
N SER A 41 -15.41 13.04 0.00
CA SER A 41 -15.39 13.89 1.19
C SER A 41 -16.81 14.10 1.72
N GLY A 42 -16.94 14.08 3.04
CA GLY A 42 -18.25 14.27 3.65
C GLY A 42 -18.26 13.90 5.12
N PRO A 43 -19.40 14.14 5.79
CA PRO A 43 -19.56 13.84 7.21
C PRO A 43 -19.61 12.34 7.49
N SER A 44 -18.46 11.76 7.83
CA SER A 44 -18.37 10.34 8.11
C SER A 44 -19.47 9.90 9.07
N SER A 45 -19.91 8.65 8.94
CA SER A 45 -20.97 8.12 9.79
C SER A 45 -20.49 8.03 11.24
N GLY A 46 -19.30 7.48 11.44
CA GLY A 46 -18.76 7.35 12.79
C GLY A 46 -18.05 8.61 13.25
N GLY A 1 -16.95 -22.48 -3.33
CA GLY A 1 -16.24 -21.26 -3.63
C GLY A 1 -14.94 -21.13 -2.86
N SER A 2 -13.84 -21.54 -3.48
CA SER A 2 -12.54 -21.48 -2.85
C SER A 2 -11.55 -20.69 -3.71
N SER A 3 -11.46 -19.40 -3.46
CA SER A 3 -10.56 -18.53 -4.21
C SER A 3 -9.72 -17.68 -3.27
N GLY A 4 -9.24 -18.29 -2.19
CA GLY A 4 -8.42 -17.57 -1.23
C GLY A 4 -8.28 -18.31 0.08
N SER A 5 -7.29 -19.19 0.16
CA SER A 5 -7.06 -19.97 1.37
C SER A 5 -5.99 -19.32 2.24
N SER A 6 -5.96 -19.69 3.51
CA SER A 6 -4.99 -19.14 4.46
C SER A 6 -3.69 -19.93 4.42
N GLY A 7 -2.64 -19.30 3.89
CA GLY A 7 -1.35 -19.95 3.80
C GLY A 7 -0.64 -19.67 2.49
N THR A 8 0.52 -20.28 2.30
CA THR A 8 1.30 -20.09 1.08
C THR A 8 1.47 -18.60 0.77
N GLY A 9 1.91 -17.84 1.75
CA GLY A 9 2.10 -16.42 1.56
C GLY A 9 3.15 -15.84 2.50
N GLU A 10 4.03 -15.01 1.96
CA GLU A 10 5.09 -14.40 2.76
C GLU A 10 4.75 -12.94 3.09
N LYS A 11 4.06 -12.28 2.15
CA LYS A 11 3.68 -10.89 2.35
C LYS A 11 2.16 -10.76 2.43
N PRO A 12 1.60 -11.10 3.59
CA PRO A 12 0.15 -11.03 3.83
C PRO A 12 -0.34 -9.59 3.90
N TYR A 13 0.58 -8.66 4.10
CA TYR A 13 0.22 -7.24 4.20
C TYR A 13 0.44 -6.54 2.85
N LYS A 14 -0.65 -6.01 2.30
CA LYS A 14 -0.60 -5.32 1.02
C LYS A 14 -1.50 -4.09 1.03
N CYS A 15 -0.99 -2.99 0.49
CA CYS A 15 -1.75 -1.74 0.43
C CYS A 15 -2.79 -1.79 -0.69
N SER A 16 -4.06 -1.78 -0.31
CA SER A 16 -5.15 -1.83 -1.28
C SER A 16 -5.44 -0.43 -1.83
N ASP A 17 -4.39 0.31 -2.15
CA ASP A 17 -4.53 1.66 -2.68
C ASP A 17 -3.63 1.86 -3.91
N CYS A 18 -2.40 1.39 -3.81
CA CYS A 18 -1.44 1.52 -4.90
C CYS A 18 -1.02 0.14 -5.42
N GLY A 19 -0.64 -0.75 -4.51
CA GLY A 19 -0.23 -2.08 -4.90
C GLY A 19 1.17 -2.42 -4.41
N LYS A 20 1.37 -2.35 -3.10
CA LYS A 20 2.66 -2.66 -2.51
C LYS A 20 2.53 -3.70 -1.40
N ALA A 21 3.39 -4.71 -1.46
CA ALA A 21 3.37 -5.77 -0.46
C ALA A 21 4.55 -5.65 0.50
N PHE A 22 4.33 -6.02 1.76
CA PHE A 22 5.38 -5.95 2.77
C PHE A 22 5.41 -7.22 3.61
N THR A 23 6.40 -7.32 4.49
CA THR A 23 6.55 -8.48 5.35
C THR A 23 6.62 -8.08 6.82
N ARG A 24 6.24 -6.83 7.10
CA ARG A 24 6.25 -6.32 8.46
C ARG A 24 5.06 -5.41 8.73
N LYS A 25 4.35 -5.66 9.81
CA LYS A 25 3.18 -4.87 10.18
C LYS A 25 3.48 -3.38 10.05
N SER A 26 4.65 -2.96 10.55
CA SER A 26 5.05 -1.57 10.49
C SER A 26 5.32 -1.14 9.05
N GLY A 27 6.12 -1.93 8.34
CA GLY A 27 6.45 -1.62 6.97
C GLY A 27 5.26 -1.09 6.19
N LEU A 28 4.09 -1.68 6.43
CA LEU A 28 2.87 -1.27 5.74
C LEU A 28 2.18 -0.13 6.49
N HIS A 29 1.97 -0.33 7.79
CA HIS A 29 1.33 0.69 8.62
C HIS A 29 1.89 2.06 8.33
N ILE A 30 3.22 2.15 8.26
CA ILE A 30 3.89 3.41 7.99
C ILE A 30 3.49 3.97 6.63
N HIS A 31 3.53 3.12 5.61
CA HIS A 31 3.17 3.53 4.26
C HIS A 31 1.72 3.99 4.21
N GLN A 32 0.80 3.12 4.64
CA GLN A 32 -0.62 3.44 4.64
C GLN A 32 -0.85 4.89 5.08
N GLN A 33 0.07 5.41 5.89
CA GLN A 33 -0.04 6.78 6.37
C GLN A 33 0.47 7.77 5.33
N SER A 34 0.12 7.53 4.08
CA SER A 34 0.55 8.40 2.98
C SER A 34 -0.64 8.82 2.12
N HIS A 35 -1.53 7.87 1.84
CA HIS A 35 -2.70 8.13 1.02
C HIS A 35 -3.78 8.85 1.84
N THR A 36 -3.93 8.44 3.10
CA THR A 36 -4.91 9.04 3.99
C THR A 36 -4.93 10.56 3.85
N GLY A 37 -5.94 11.08 3.18
CA GLY A 37 -6.04 12.52 3.00
C GLY A 37 -6.58 12.89 1.62
N GLU A 38 -7.87 13.22 1.57
CA GLU A 38 -8.50 13.59 0.31
C GLU A 38 -9.70 14.51 0.55
N ARG A 39 -9.59 15.75 0.08
CA ARG A 39 -10.67 16.72 0.25
C ARG A 39 -12.03 16.05 0.10
N HIS A 40 -12.94 16.36 1.02
CA HIS A 40 -14.29 15.79 0.99
C HIS A 40 -14.90 15.90 -0.41
N SER A 41 -15.24 14.75 -0.99
CA SER A 41 -15.83 14.72 -2.32
C SER A 41 -17.34 14.85 -2.25
N GLY A 42 -17.96 14.12 -1.33
CA GLY A 42 -19.41 14.17 -1.18
C GLY A 42 -20.12 13.15 -2.04
N PRO A 43 -20.01 11.86 -1.65
CA PRO A 43 -20.64 10.76 -2.37
C PRO A 43 -22.16 10.78 -2.25
N SER A 44 -22.83 11.38 -3.23
CA SER A 44 -24.28 11.46 -3.23
C SER A 44 -24.91 10.16 -3.72
N SER A 45 -24.50 9.73 -4.91
CA SER A 45 -25.03 8.51 -5.51
C SER A 45 -23.95 7.43 -5.53
N GLY A 46 -24.35 6.21 -5.13
CA GLY A 46 -23.41 5.10 -5.11
C GLY A 46 -22.79 4.83 -6.48
N GLY A 1 4.23 -13.44 -28.03
CA GLY A 1 3.62 -13.16 -26.74
C GLY A 1 3.80 -14.30 -25.75
N SER A 2 4.67 -14.09 -24.77
CA SER A 2 4.93 -15.10 -23.76
C SER A 2 4.45 -14.65 -22.39
N SER A 3 3.46 -15.37 -21.85
CA SER A 3 2.90 -15.04 -20.54
C SER A 3 3.87 -15.39 -19.43
N GLY A 4 4.22 -16.67 -19.34
CA GLY A 4 5.14 -17.11 -18.31
C GLY A 4 4.61 -16.88 -16.91
N SER A 5 3.97 -17.90 -16.34
CA SER A 5 3.40 -17.80 -15.01
C SER A 5 4.33 -18.45 -13.98
N SER A 6 4.86 -17.63 -13.07
CA SER A 6 5.77 -18.13 -12.04
C SER A 6 5.63 -17.31 -10.76
N GLY A 7 6.32 -17.73 -9.71
CA GLY A 7 6.27 -17.02 -8.45
C GLY A 7 5.25 -17.61 -7.49
N THR A 8 5.73 -18.41 -6.55
CA THR A 8 4.85 -19.05 -5.57
C THR A 8 5.08 -18.48 -4.17
N GLY A 9 4.07 -17.77 -3.66
CA GLY A 9 4.19 -17.19 -2.33
C GLY A 9 3.99 -15.68 -2.35
N GLU A 10 3.26 -15.17 -1.36
CA GLU A 10 2.99 -13.74 -1.27
C GLU A 10 3.30 -13.23 0.13
N LYS A 11 3.40 -11.91 0.27
CA LYS A 11 3.69 -11.29 1.55
C LYS A 11 2.46 -11.33 2.47
N PRO A 12 2.69 -11.47 3.77
CA PRO A 12 1.63 -11.53 4.78
C PRO A 12 0.92 -10.18 4.95
N TYR A 13 1.44 -9.16 4.27
CA TYR A 13 0.86 -7.83 4.34
C TYR A 13 0.96 -7.11 3.00
N LYS A 14 0.02 -6.20 2.74
CA LYS A 14 0.01 -5.44 1.50
C LYS A 14 -1.10 -4.39 1.52
N CYS A 15 -0.87 -3.29 0.81
CA CYS A 15 -1.85 -2.21 0.74
C CYS A 15 -2.80 -2.42 -0.43
N SER A 16 -3.97 -1.77 -0.36
CA SER A 16 -4.98 -1.89 -1.41
C SER A 16 -5.02 -0.61 -2.25
N ASP A 17 -4.83 0.52 -1.60
CA ASP A 17 -4.85 1.81 -2.28
C ASP A 17 -4.06 1.75 -3.58
N CYS A 18 -2.79 1.39 -3.48
CA CYS A 18 -1.92 1.30 -4.65
C CYS A 18 -1.57 -0.16 -4.95
N GLY A 19 -1.25 -0.92 -3.91
CA GLY A 19 -0.90 -2.32 -4.08
C GLY A 19 0.53 -2.62 -3.71
N LYS A 20 0.94 -2.16 -2.53
CA LYS A 20 2.31 -2.38 -2.05
C LYS A 20 2.34 -3.50 -1.02
N ALA A 21 3.04 -4.57 -1.35
CA ALA A 21 3.17 -5.72 -0.45
C ALA A 21 4.35 -5.54 0.50
N PHE A 22 4.12 -5.87 1.77
CA PHE A 22 5.16 -5.76 2.79
C PHE A 22 5.28 -7.04 3.61
N THR A 23 6.45 -7.25 4.20
CA THR A 23 6.69 -8.43 5.01
C THR A 23 6.34 -8.19 6.47
N ARG A 24 6.70 -7.01 6.97
CA ARG A 24 6.42 -6.64 8.35
C ARG A 24 5.07 -5.95 8.48
N LYS A 25 4.67 -5.65 9.70
CA LYS A 25 3.40 -4.99 9.96
C LYS A 25 3.53 -3.48 9.78
N SER A 26 4.58 -2.91 10.33
CA SER A 26 4.82 -1.48 10.23
C SER A 26 4.91 -1.03 8.77
N GLY A 27 5.75 -1.73 8.00
CA GLY A 27 5.92 -1.41 6.60
C GLY A 27 4.62 -0.96 5.95
N LEU A 28 3.53 -1.65 6.27
CA LEU A 28 2.22 -1.32 5.71
C LEU A 28 1.60 -0.15 6.45
N HIS A 29 1.64 -0.19 7.77
CA HIS A 29 1.09 0.87 8.60
C HIS A 29 1.65 2.23 8.18
N ILE A 30 2.97 2.33 8.13
CA ILE A 30 3.62 3.57 7.74
C ILE A 30 3.29 3.94 6.30
N HIS A 31 3.32 2.96 5.42
CA HIS A 31 3.02 3.17 4.01
C HIS A 31 1.60 3.73 3.84
N GLN A 32 0.67 3.24 4.64
CA GLN A 32 -0.71 3.69 4.58
C GLN A 32 -0.84 5.13 5.06
N GLN A 33 -0.07 5.48 6.07
CA GLN A 33 -0.10 6.84 6.62
C GLN A 33 0.80 7.78 5.81
N SER A 34 0.81 7.57 4.50
CA SER A 34 1.62 8.39 3.61
C SER A 34 0.80 8.90 2.43
N HIS A 35 -0.01 8.02 1.86
CA HIS A 35 -0.85 8.38 0.72
C HIS A 35 -1.48 9.76 0.93
N THR A 36 -1.78 10.08 2.18
CA THR A 36 -2.38 11.36 2.51
C THR A 36 -1.71 12.50 1.75
N GLY A 37 -2.42 13.05 0.77
CA GLY A 37 -1.87 14.14 -0.02
C GLY A 37 -2.94 15.00 -0.66
N GLU A 38 -3.62 14.44 -1.66
CA GLU A 38 -4.67 15.16 -2.35
C GLU A 38 -5.84 15.45 -1.42
N ARG A 39 -6.50 16.58 -1.64
CA ARG A 39 -7.64 16.98 -0.82
C ARG A 39 -8.75 15.93 -0.87
N HIS A 40 -9.55 15.86 0.18
CA HIS A 40 -10.65 14.90 0.25
C HIS A 40 -10.12 13.48 0.45
N SER A 41 -9.13 13.35 1.32
CA SER A 41 -8.53 12.04 1.61
C SER A 41 -9.47 11.20 2.46
N GLY A 42 -9.86 10.03 1.93
CA GLY A 42 -10.75 9.15 2.66
C GLY A 42 -12.14 9.11 2.08
N PRO A 43 -12.26 8.56 0.86
CA PRO A 43 -13.55 8.45 0.17
C PRO A 43 -14.49 7.44 0.82
N SER A 44 -13.91 6.43 1.45
CA SER A 44 -14.70 5.40 2.13
C SER A 44 -14.20 5.18 3.55
N SER A 45 -15.07 5.41 4.52
CA SER A 45 -14.72 5.24 5.92
C SER A 45 -15.79 4.43 6.66
N GLY A 46 -15.45 3.20 6.99
CA GLY A 46 -16.39 2.34 7.69
C GLY A 46 -16.16 0.87 7.41
N GLY A 1 -6.38 -21.08 -18.19
CA GLY A 1 -5.45 -21.29 -17.08
C GLY A 1 -4.28 -20.34 -17.12
N SER A 2 -3.42 -20.41 -16.11
CA SER A 2 -2.25 -19.54 -16.04
C SER A 2 -1.00 -20.34 -15.68
N SER A 3 -0.86 -21.51 -16.29
CA SER A 3 0.28 -22.37 -16.02
C SER A 3 0.40 -22.68 -14.53
N GLY A 4 -0.72 -22.96 -13.90
CA GLY A 4 -0.72 -23.27 -12.48
C GLY A 4 -0.77 -22.01 -11.62
N SER A 5 -0.71 -22.20 -10.30
CA SER A 5 -0.75 -21.09 -9.37
C SER A 5 0.31 -20.04 -9.73
N SER A 6 0.00 -18.78 -9.48
CA SER A 6 0.92 -17.69 -9.78
C SER A 6 1.34 -16.97 -8.50
N GLY A 7 2.48 -17.38 -7.95
CA GLY A 7 2.98 -16.77 -6.73
C GLY A 7 3.54 -17.79 -5.76
N THR A 8 4.86 -17.82 -5.62
CA THR A 8 5.51 -18.75 -4.71
C THR A 8 5.99 -18.05 -3.45
N GLY A 9 5.09 -17.87 -2.49
CA GLY A 9 5.44 -17.21 -1.25
C GLY A 9 5.00 -15.76 -1.22
N GLU A 10 3.68 -15.55 -1.26
CA GLU A 10 3.14 -14.19 -1.24
C GLU A 10 3.23 -13.60 0.16
N LYS A 11 3.26 -12.27 0.24
CA LYS A 11 3.35 -11.57 1.51
C LYS A 11 1.97 -11.46 2.17
N PRO A 12 1.97 -11.43 3.51
CA PRO A 12 0.72 -11.33 4.28
C PRO A 12 0.06 -9.97 4.15
N TYR A 13 0.87 -8.92 4.18
CA TYR A 13 0.36 -7.56 4.06
C TYR A 13 0.34 -7.11 2.60
N LYS A 14 -0.61 -6.25 2.27
CA LYS A 14 -0.74 -5.74 0.90
C LYS A 14 -1.68 -4.54 0.86
N CYS A 15 -1.13 -3.38 0.52
CA CYS A 15 -1.92 -2.15 0.44
C CYS A 15 -2.89 -2.21 -0.74
N SER A 16 -4.10 -1.71 -0.52
CA SER A 16 -5.12 -1.70 -1.56
C SER A 16 -5.24 -0.32 -2.21
N ASP A 17 -4.79 0.70 -1.48
CA ASP A 17 -4.84 2.07 -1.98
C ASP A 17 -4.10 2.20 -3.31
N CYS A 18 -2.84 1.79 -3.32
CA CYS A 18 -2.02 1.85 -4.52
C CYS A 18 -1.66 0.45 -5.01
N GLY A 19 -1.23 -0.39 -4.08
CA GLY A 19 -0.85 -1.75 -4.44
C GLY A 19 0.61 -2.06 -4.12
N LYS A 20 0.90 -2.26 -2.84
CA LYS A 20 2.26 -2.56 -2.41
C LYS A 20 2.26 -3.69 -1.38
N ALA A 21 3.28 -4.54 -1.44
CA ALA A 21 3.41 -5.65 -0.52
C ALA A 21 4.54 -5.41 0.47
N PHE A 22 4.37 -5.95 1.68
CA PHE A 22 5.38 -5.80 2.73
C PHE A 22 5.58 -7.11 3.49
N THR A 23 6.60 -7.13 4.34
CA THR A 23 6.90 -8.32 5.13
C THR A 23 6.59 -8.10 6.61
N ARG A 24 6.85 -6.89 7.08
CA ARG A 24 6.61 -6.55 8.47
C ARG A 24 5.29 -5.80 8.62
N LYS A 25 4.79 -5.71 9.85
CA LYS A 25 3.54 -5.02 10.13
C LYS A 25 3.69 -3.52 9.95
N SER A 26 4.69 -2.93 10.61
CA SER A 26 4.94 -1.50 10.51
C SER A 26 5.11 -1.07 9.06
N GLY A 27 5.98 -1.78 8.34
CA GLY A 27 6.22 -1.46 6.95
C GLY A 27 4.97 -1.00 6.23
N LEU A 28 3.85 -1.64 6.53
CA LEU A 28 2.57 -1.29 5.91
C LEU A 28 1.94 -0.09 6.60
N HIS A 29 1.80 -0.19 7.92
CA HIS A 29 1.20 0.89 8.70
C HIS A 29 1.76 2.25 8.27
N ILE A 30 3.08 2.37 8.31
CA ILE A 30 3.74 3.61 7.91
C ILE A 30 3.40 3.98 6.47
N HIS A 31 3.32 2.97 5.62
CA HIS A 31 3.01 3.19 4.20
C HIS A 31 1.60 3.74 4.04
N GLN A 32 0.69 3.29 4.89
CA GLN A 32 -0.69 3.73 4.84
C GLN A 32 -0.81 5.19 5.29
N GLN A 33 0.21 5.68 5.98
CA GLN A 33 0.22 7.05 6.47
C GLN A 33 0.41 8.04 5.31
N SER A 34 0.80 7.52 4.16
CA SER A 34 1.02 8.35 2.98
C SER A 34 -0.17 8.26 2.02
N HIS A 35 -1.33 7.90 2.56
CA HIS A 35 -2.54 7.77 1.76
C HIS A 35 -3.66 8.67 2.30
N THR A 36 -3.26 9.83 2.85
CA THR A 36 -4.22 10.77 3.40
C THR A 36 -5.34 11.07 2.41
N GLY A 37 -4.96 11.40 1.18
CA GLY A 37 -5.94 11.70 0.15
C GLY A 37 -5.31 12.17 -1.13
N GLU A 38 -5.39 11.36 -2.18
CA GLU A 38 -4.82 11.70 -3.48
C GLU A 38 -5.92 11.95 -4.51
N ARG A 39 -6.52 13.13 -4.47
CA ARG A 39 -7.58 13.48 -5.39
C ARG A 39 -7.97 14.96 -5.24
N HIS A 40 -8.12 15.64 -6.36
CA HIS A 40 -8.49 17.06 -6.35
C HIS A 40 -7.58 17.85 -5.40
N SER A 41 -6.31 17.47 -5.36
CA SER A 41 -5.34 18.15 -4.50
C SER A 41 -5.09 19.57 -4.98
N GLY A 42 -5.71 20.53 -4.30
CA GLY A 42 -5.54 21.93 -4.67
C GLY A 42 -6.77 22.50 -5.36
N PRO A 43 -7.74 22.94 -4.56
CA PRO A 43 -8.99 23.52 -5.07
C PRO A 43 -8.77 24.88 -5.71
N SER A 44 -9.42 25.10 -6.86
CA SER A 44 -9.28 26.37 -7.58
C SER A 44 -10.60 26.75 -8.24
N SER A 45 -10.92 28.04 -8.20
CA SER A 45 -12.16 28.54 -8.79
C SER A 45 -13.28 27.53 -8.63
N GLY A 46 -13.40 26.97 -7.43
CA GLY A 46 -14.44 25.99 -7.15
C GLY A 46 -14.16 25.19 -5.89
N GLY A 1 -9.08 5.77 -11.19
CA GLY A 1 -7.90 5.17 -10.59
C GLY A 1 -7.39 3.99 -11.38
N SER A 2 -6.08 3.97 -11.63
CA SER A 2 -5.46 2.88 -12.39
C SER A 2 -4.51 2.08 -11.51
N SER A 3 -4.35 0.80 -11.84
CA SER A 3 -3.46 -0.07 -11.08
C SER A 3 -3.13 -1.34 -11.88
N GLY A 4 -2.06 -2.01 -11.48
CA GLY A 4 -1.66 -3.23 -12.17
C GLY A 4 -0.78 -4.11 -11.31
N SER A 5 -0.57 -5.35 -11.76
CA SER A 5 0.24 -6.31 -11.02
C SER A 5 0.78 -7.40 -11.95
N SER A 6 2.08 -7.66 -11.84
CA SER A 6 2.72 -8.67 -12.67
C SER A 6 2.27 -10.08 -12.25
N GLY A 7 2.37 -10.36 -10.96
CA GLY A 7 1.97 -11.66 -10.45
C GLY A 7 2.82 -12.12 -9.29
N THR A 8 3.06 -11.21 -8.34
CA THR A 8 3.86 -11.52 -7.17
C THR A 8 3.17 -11.04 -5.89
N GLY A 9 2.37 -11.93 -5.29
CA GLY A 9 1.67 -11.58 -4.07
C GLY A 9 1.89 -12.59 -2.96
N GLU A 10 3.15 -12.98 -2.77
CA GLU A 10 3.50 -13.95 -1.73
C GLU A 10 3.38 -13.33 -0.35
N LYS A 11 3.83 -12.09 -0.21
CA LYS A 11 3.77 -11.38 1.07
C LYS A 11 2.37 -11.47 1.66
N PRO A 12 2.31 -11.58 3.00
CA PRO A 12 1.03 -11.67 3.73
C PRO A 12 0.25 -10.36 3.69
N TYR A 13 0.96 -9.25 3.87
CA TYR A 13 0.34 -7.93 3.87
C TYR A 13 0.30 -7.35 2.46
N LYS A 14 -0.62 -6.41 2.24
CA LYS A 14 -0.77 -5.79 0.93
C LYS A 14 -1.70 -4.58 1.02
N CYS A 15 -1.13 -3.38 0.91
CA CYS A 15 -1.92 -2.15 0.97
C CYS A 15 -3.12 -2.24 0.04
N SER A 16 -4.32 -2.26 0.63
CA SER A 16 -5.55 -2.34 -0.15
C SER A 16 -6.03 -0.95 -0.54
N ASP A 17 -5.08 -0.07 -0.83
CA ASP A 17 -5.40 1.30 -1.22
C ASP A 17 -4.76 1.65 -2.56
N CYS A 18 -3.43 1.54 -2.62
CA CYS A 18 -2.70 1.84 -3.84
C CYS A 18 -2.27 0.55 -4.55
N GLY A 19 -1.75 -0.39 -3.79
CA GLY A 19 -1.30 -1.65 -4.35
C GLY A 19 0.15 -1.94 -4.08
N LYS A 20 0.47 -2.22 -2.81
CA LYS A 20 1.85 -2.51 -2.42
C LYS A 20 1.88 -3.62 -1.37
N ALA A 21 2.93 -4.43 -1.41
CA ALA A 21 3.09 -5.53 -0.47
C ALA A 21 4.22 -5.24 0.52
N PHE A 22 4.13 -5.83 1.71
CA PHE A 22 5.14 -5.63 2.74
C PHE A 22 5.42 -6.94 3.47
N THR A 23 6.37 -6.89 4.40
CA THR A 23 6.74 -8.07 5.18
C THR A 23 6.46 -7.85 6.67
N ARG A 24 6.70 -6.64 7.14
CA ARG A 24 6.49 -6.30 8.53
C ARG A 24 5.23 -5.45 8.71
N LYS A 25 4.56 -5.62 9.84
CA LYS A 25 3.34 -4.87 10.12
C LYS A 25 3.60 -3.37 10.05
N SER A 26 4.70 -2.93 10.66
CA SER A 26 5.06 -1.52 10.67
C SER A 26 5.38 -1.04 9.27
N GLY A 27 6.08 -1.88 8.51
CA GLY A 27 6.46 -1.52 7.15
C GLY A 27 5.29 -0.96 6.36
N LEU A 28 4.12 -1.57 6.53
CA LEU A 28 2.92 -1.14 5.83
C LEU A 28 2.21 -0.02 6.59
N HIS A 29 1.98 -0.24 7.88
CA HIS A 29 1.31 0.74 8.72
C HIS A 29 1.84 2.15 8.43
N ILE A 30 3.16 2.29 8.37
CA ILE A 30 3.79 3.58 8.10
C ILE A 30 3.48 4.04 6.68
N HIS A 31 3.50 3.11 5.73
CA HIS A 31 3.22 3.42 4.34
C HIS A 31 1.80 3.94 4.17
N GLN A 32 0.82 3.15 4.63
CA GLN A 32 -0.58 3.54 4.53
C GLN A 32 -0.76 5.03 4.79
N GLN A 33 -0.14 5.52 5.85
CA GLN A 33 -0.24 6.93 6.21
C GLN A 33 -0.11 7.81 4.97
N SER A 34 0.89 7.54 4.15
CA SER A 34 1.11 8.32 2.93
C SER A 34 -0.21 8.73 2.30
N HIS A 35 -1.18 7.82 2.33
CA HIS A 35 -2.50 8.09 1.76
C HIS A 35 -3.36 8.88 2.74
N THR A 36 -2.80 9.96 3.28
CA THR A 36 -3.52 10.79 4.23
C THR A 36 -3.75 12.20 3.68
N GLY A 37 -2.97 12.56 2.67
CA GLY A 37 -3.11 13.88 2.06
C GLY A 37 -2.93 13.84 0.55
N GLU A 38 -3.83 13.14 -0.13
CA GLU A 38 -3.77 13.02 -1.58
C GLU A 38 -3.46 14.37 -2.22
N ARG A 39 -4.34 15.34 -1.97
CA ARG A 39 -4.17 16.69 -2.51
C ARG A 39 -4.10 16.64 -4.04
N HIS A 40 -5.12 16.05 -4.66
CA HIS A 40 -5.17 15.94 -6.10
C HIS A 40 -6.62 15.73 -6.58
N SER A 41 -7.13 16.67 -7.36
CA SER A 41 -8.49 16.58 -7.87
C SER A 41 -8.64 15.39 -8.80
N GLY A 42 -9.08 14.27 -8.24
CA GLY A 42 -9.26 13.06 -9.03
C GLY A 42 -9.54 11.84 -8.18
N PRO A 43 -10.74 11.79 -7.58
CA PRO A 43 -11.14 10.67 -6.72
C PRO A 43 -11.37 9.38 -7.52
N SER A 44 -11.78 8.33 -6.82
CA SER A 44 -12.03 7.04 -7.46
C SER A 44 -12.70 6.08 -6.48
N SER A 45 -13.30 5.02 -7.02
CA SER A 45 -13.97 4.02 -6.20
C SER A 45 -13.96 2.66 -6.89
N GLY A 46 -14.07 1.60 -6.09
CA GLY A 46 -14.07 0.26 -6.64
C GLY A 46 -12.76 -0.10 -7.30
#